data_8BG2
#
_entry.id   8BG2
#
_cell.length_a   87.046
_cell.length_b   85.900
_cell.length_c   88.198
_cell.angle_alpha   90.000
_cell.angle_beta   117.040
_cell.angle_gamma   90.000
#
_symmetry.space_group_name_H-M   'P 1 21 1'
#
loop_
_entity.id
_entity.type
_entity.pdbx_description
1 polymer 'pT1375 single-chain Fv'
2 polymer 'Spike protein S1'
3 non-polymer 2-acetamido-2-deoxy-beta-D-glucopyranose
4 water water
#
loop_
_entity_poly.entity_id
_entity_poly.type
_entity_poly.pdbx_seq_one_letter_code
_entity_poly.pdbx_strand_id
1 'polypeptide(L)'
;EVQLVESGGGLIQPGGSLRLSCAASGFIVSRNYMSWVRQAPGKGLEWVSGIYSGGSTFYADSVKGRFTISRDSSKNTLYL
QMNSLRAEDTAVYYCAKDVPLGSHYFDYWGQGTLVTVSSGTGGSGGGGSGGGGSGGGGEIVLTQSPGTLSLSPGERVTLS
CRASQSVSINYLAWYQQKPGQAPRLLIYGASSRATGISDRFSGSGSGTDFTLTISRLEPEDFAVYYCQQYDSSPLTFGGG
TKVEIKDDDDK
;
A,C
2 'polypeptide(L)'
;NLCPFGEVFNATRFASVYAWNRKRISNCVADYSVLYNSASFSTFKCYGVSPTKLNDLCFTNVYADSFVIRGDEVRQIAPG
QTGKIADYNYKLPDDFTGCVIAWNSNNLDSKVGGNYNYLYRLFRKSNLKPFERDISTEIYQAGSTPCNGVEGFNCYFPLQ
SYGFQPTNGVGYQPYRVVVLSFELLHAPATVCGPDDDDK
;
B,D
#
# COMPACT_ATOMS: atom_id res chain seq x y z
N GLU A 1 46.22 6.08 24.84
CA GLU A 1 44.85 6.35 24.42
C GLU A 1 44.46 5.54 23.17
N VAL A 2 44.30 6.21 22.03
CA VAL A 2 43.94 5.55 20.78
C VAL A 2 45.17 4.88 20.19
N GLN A 3 45.01 3.63 19.73
CA GLN A 3 46.07 2.84 19.11
C GLN A 3 45.52 2.10 17.90
N LEU A 4 46.27 2.15 16.81
CA LEU A 4 45.92 1.45 15.57
C LEU A 4 47.12 0.65 15.10
N VAL A 5 46.96 -0.67 15.00
CA VAL A 5 48.06 -1.59 14.73
C VAL A 5 47.63 -2.55 13.62
N GLU A 6 48.23 -2.41 12.43
CA GLU A 6 47.92 -3.30 11.31
C GLU A 6 48.65 -4.62 11.45
N SER A 7 48.02 -5.68 10.95
CA SER A 7 48.72 -6.92 10.69
C SER A 7 48.24 -7.44 9.35
N GLY A 8 48.98 -8.41 8.80
CA GLY A 8 48.76 -8.87 7.45
C GLY A 8 49.45 -7.99 6.44
N GLY A 9 49.55 -8.50 5.22
CA GLY A 9 50.25 -7.82 4.14
C GLY A 9 51.24 -8.72 3.45
N GLY A 10 52.33 -8.16 2.95
CA GLY A 10 53.39 -8.96 2.37
C GLY A 10 53.30 -9.08 0.86
N LEU A 11 53.99 -10.09 0.37
CA LEU A 11 54.23 -10.32 -1.05
C LEU A 11 53.15 -11.22 -1.61
N ILE A 12 52.49 -10.77 -2.68
CA ILE A 12 51.40 -11.52 -3.27
C ILE A 12 51.57 -11.52 -4.80
N GLN A 13 51.10 -12.60 -5.43
CA GLN A 13 51.09 -12.77 -6.88
C GLN A 13 49.99 -11.89 -7.49
N PRO A 14 50.21 -11.38 -8.70
CA PRO A 14 49.16 -10.58 -9.34
C PRO A 14 47.87 -11.38 -9.48
N GLY A 15 46.75 -10.70 -9.22
CA GLY A 15 45.47 -11.37 -9.17
C GLY A 15 45.19 -12.13 -7.89
N GLY A 16 46.17 -12.25 -6.99
CA GLY A 16 45.94 -12.86 -5.71
C GLY A 16 45.07 -12.00 -4.81
N SER A 17 44.80 -12.53 -3.63
CA SER A 17 44.00 -11.83 -2.65
C SER A 17 44.71 -11.87 -1.30
N LEU A 18 44.25 -11.02 -0.39
CA LEU A 18 44.98 -10.63 0.80
C LEU A 18 44.04 -9.90 1.75
N ARG A 19 44.15 -10.18 3.05
CA ARG A 19 43.35 -9.46 4.04
C ARG A 19 44.26 -8.72 5.03
N LEU A 20 44.09 -7.40 5.10
CA LEU A 20 44.71 -6.59 6.13
C LEU A 20 43.75 -6.47 7.31
N SER A 21 44.30 -6.39 8.51
CA SER A 21 43.50 -6.15 9.70
C SER A 21 44.13 -5.03 10.50
N CYS A 22 43.31 -4.40 11.34
CA CYS A 22 43.73 -3.24 12.13
C CYS A 22 43.08 -3.41 13.51
N ALA A 23 43.87 -3.80 14.49
CA ALA A 23 43.39 -3.91 15.86
C ALA A 23 43.45 -2.52 16.51
N ALA A 24 42.32 -2.03 16.98
CA ALA A 24 42.25 -0.71 17.60
C ALA A 24 42.07 -0.81 19.10
N SER A 25 42.69 0.13 19.83
CA SER A 25 42.42 0.36 21.24
C SER A 25 41.93 1.80 21.40
N GLY A 26 41.20 2.05 22.50
CA GLY A 26 40.80 3.40 22.86
C GLY A 26 39.49 3.88 22.29
N PHE A 27 38.76 3.03 21.56
CA PHE A 27 37.46 3.36 20.99
C PHE A 27 36.87 2.09 20.42
N ILE A 28 35.54 2.07 20.30
CA ILE A 28 34.86 0.90 19.76
C ILE A 28 34.85 1.04 18.24
N VAL A 29 35.49 0.08 17.56
CA VAL A 29 35.63 0.17 16.11
C VAL A 29 34.26 0.23 15.46
N SER A 30 33.35 -0.66 15.87
CA SER A 30 32.05 -0.81 15.22
C SER A 30 31.13 0.39 15.47
N ARG A 31 31.58 1.41 16.19
CA ARG A 31 30.77 2.58 16.47
C ARG A 31 31.37 3.86 15.91
N ASN A 32 32.53 3.79 15.27
CA ASN A 32 33.22 4.98 14.79
C ASN A 32 33.45 4.88 13.29
N TYR A 33 33.75 6.04 12.69
CA TYR A 33 34.21 6.11 11.31
C TYR A 33 35.69 5.71 11.20
N MET A 34 36.03 4.86 10.22
CA MET A 34 37.41 4.44 10.02
C MET A 34 37.69 4.30 8.54
N SER A 35 38.99 4.26 8.20
CA SER A 35 39.37 4.34 6.79
C SER A 35 40.67 3.57 6.56
N TRP A 36 40.93 3.29 5.30
CA TRP A 36 42.23 2.79 4.85
C TRP A 36 42.80 3.80 3.86
N VAL A 37 44.08 4.13 4.05
CA VAL A 37 44.80 5.06 3.18
C VAL A 37 46.09 4.38 2.74
N ARG A 38 46.47 4.56 1.48
CA ARG A 38 47.68 3.91 1.02
C ARG A 38 48.65 4.92 0.44
N GLN A 39 49.92 4.52 0.40
CA GLN A 39 50.99 5.38 -0.08
C GLN A 39 51.79 4.60 -1.10
N ALA A 40 51.64 4.96 -2.32
CA ALA A 40 52.39 4.33 -3.39
C ALA A 40 53.45 5.31 -3.89
N PRO A 41 54.59 4.81 -4.36
CA PRO A 41 55.68 5.73 -4.74
C PRO A 41 55.27 6.69 -5.85
N GLY A 42 54.42 6.25 -6.77
CA GLY A 42 53.97 7.08 -7.87
C GLY A 42 52.78 7.95 -7.54
N LYS A 43 51.75 7.38 -6.92
CA LYS A 43 50.51 8.10 -6.68
C LYS A 43 50.45 8.77 -5.32
N GLY A 44 51.50 8.67 -4.51
CA GLY A 44 51.54 9.34 -3.21
C GLY A 44 50.46 8.83 -2.27
N LEU A 45 50.02 9.70 -1.35
CA LEU A 45 48.95 9.34 -0.43
C LEU A 45 47.60 9.32 -1.15
N GLU A 46 46.80 8.30 -0.88
CA GLU A 46 45.56 8.07 -1.62
C GLU A 46 44.58 7.38 -0.71
N TRP A 47 43.39 7.97 -0.53
CA TRP A 47 42.33 7.30 0.21
C TRP A 47 41.87 6.06 -0.53
N VAL A 48 41.64 4.98 0.21
CA VAL A 48 41.27 3.70 -0.37
C VAL A 48 39.81 3.36 -0.08
N SER A 49 39.40 3.46 1.17
CA SER A 49 38.11 2.93 1.57
C SER A 49 37.74 3.46 2.96
N GLY A 50 36.45 3.65 3.18
CA GLY A 50 35.95 4.08 4.48
C GLY A 50 34.69 3.34 4.88
N ILE A 51 34.52 3.20 6.19
CA ILE A 51 33.30 2.67 6.77
C ILE A 51 32.75 3.70 7.76
N TYR A 52 31.43 3.85 7.77
CA TYR A 52 30.75 4.82 8.62
C TYR A 52 30.40 4.20 9.98
N SER A 53 29.99 5.05 10.92
CA SER A 53 29.62 4.55 12.23
C SER A 53 28.48 3.57 12.13
N GLY A 54 27.54 3.82 11.21
CA GLY A 54 26.40 2.96 10.96
C GLY A 54 26.58 1.86 9.95
N GLY A 55 27.74 1.70 9.32
CA GLY A 55 28.04 0.53 8.52
C GLY A 55 28.16 0.76 7.02
N SER A 56 27.68 1.89 6.51
CA SER A 56 27.85 2.18 5.09
C SER A 56 29.32 2.20 4.70
N THR A 57 29.64 1.67 3.53
CA THR A 57 31.02 1.58 3.06
C THR A 57 31.21 2.36 1.78
N PHE A 58 32.42 2.89 1.60
CA PHE A 58 32.77 3.71 0.44
C PHE A 58 34.17 3.33 -0.04
N TYR A 59 34.40 3.50 -1.35
CA TYR A 59 35.63 3.03 -1.99
C TYR A 59 36.11 4.03 -3.03
N ALA A 60 37.44 4.15 -3.14
CA ALA A 60 38.03 4.88 -4.26
C ALA A 60 37.73 4.12 -5.55
N ASP A 61 37.62 4.87 -6.65
CA ASP A 61 37.24 4.24 -7.91
C ASP A 61 38.22 3.16 -8.33
N SER A 62 39.51 3.35 -8.01
CA SER A 62 40.54 2.41 -8.43
C SER A 62 40.41 1.05 -7.77
N VAL A 63 39.71 0.95 -6.64
CA VAL A 63 39.61 -0.32 -5.92
C VAL A 63 38.18 -0.85 -5.86
N LYS A 64 37.21 -0.12 -6.40
CA LYS A 64 35.81 -0.52 -6.24
C LYS A 64 35.57 -1.85 -6.94
N GLY A 65 34.89 -2.75 -6.24
CA GLY A 65 34.64 -4.08 -6.76
C GLY A 65 35.69 -5.10 -6.42
N ARG A 66 36.90 -4.67 -6.09
CA ARG A 66 37.97 -5.59 -5.72
C ARG A 66 38.22 -5.64 -4.22
N PHE A 67 38.11 -4.50 -3.55
CA PHE A 67 38.36 -4.37 -2.13
C PHE A 67 37.04 -4.32 -1.35
N THR A 68 37.08 -4.83 -0.12
CA THR A 68 35.92 -4.78 0.77
C THR A 68 36.38 -4.34 2.16
N ILE A 69 35.82 -3.25 2.67
CA ILE A 69 36.13 -2.84 4.04
C ILE A 69 35.06 -3.42 4.95
N SER A 70 35.49 -3.94 6.09
CA SER A 70 34.57 -4.54 7.05
C SER A 70 35.19 -4.43 8.44
N ARG A 71 34.44 -4.89 9.44
CA ARG A 71 34.92 -4.85 10.81
C ARG A 71 34.27 -5.98 11.60
N ASP A 72 34.95 -6.37 12.67
CA ASP A 72 34.48 -7.41 13.57
C ASP A 72 34.27 -6.80 14.94
N SER A 73 33.02 -6.77 15.41
CA SER A 73 32.74 -6.11 16.68
C SER A 73 33.42 -6.85 17.83
N SER A 74 33.39 -8.18 17.79
CA SER A 74 33.93 -8.98 18.90
C SER A 74 35.43 -8.75 19.11
N LYS A 75 36.19 -8.48 18.06
CA LYS A 75 37.63 -8.32 18.19
C LYS A 75 38.11 -6.88 18.14
N ASN A 76 37.21 -5.92 18.00
CA ASN A 76 37.58 -4.51 17.82
C ASN A 76 38.63 -4.34 16.72
N THR A 77 38.34 -4.91 15.57
CA THR A 77 39.27 -4.99 14.45
C THR A 77 38.60 -4.52 13.18
N LEU A 78 39.30 -3.69 12.42
CA LEU A 78 38.94 -3.28 11.08
C LEU A 78 39.66 -4.16 10.06
N TYR A 79 39.00 -4.48 8.96
CA TYR A 79 39.58 -5.35 7.94
C TYR A 79 39.56 -4.67 6.58
N LEU A 80 40.51 -5.06 5.71
CA LEU A 80 40.47 -4.69 4.31
C LEU A 80 40.80 -5.94 3.49
N GLN A 81 39.76 -6.52 2.88
CA GLN A 81 39.91 -7.64 1.97
C GLN A 81 40.29 -7.08 0.60
N MET A 82 41.46 -7.46 0.09
CA MET A 82 41.87 -7.04 -1.24
C MET A 82 41.89 -8.26 -2.15
N ASN A 83 41.06 -8.23 -3.18
CA ASN A 83 40.99 -9.28 -4.18
C ASN A 83 41.52 -8.77 -5.51
N SER A 84 41.83 -9.70 -6.41
CA SER A 84 42.30 -9.37 -7.76
C SER A 84 43.39 -8.31 -7.75
N LEU A 85 44.42 -8.55 -6.94
CA LEU A 85 45.45 -7.55 -6.73
C LEU A 85 46.26 -7.31 -8.00
N ARG A 86 46.59 -6.05 -8.24
CA ARG A 86 47.37 -5.63 -9.39
C ARG A 86 48.68 -5.01 -8.91
N ALA A 87 49.63 -4.89 -9.85
CA ALA A 87 50.90 -4.24 -9.53
C ALA A 87 50.70 -2.86 -8.97
N GLU A 88 49.74 -2.11 -9.51
CA GLU A 88 49.47 -0.75 -9.06
C GLU A 88 48.90 -0.68 -7.66
N ASP A 89 48.54 -1.82 -7.06
CA ASP A 89 48.12 -1.82 -5.66
C ASP A 89 49.28 -1.85 -4.70
N THR A 90 50.52 -2.03 -5.20
CA THR A 90 51.71 -2.01 -4.37
C THR A 90 51.83 -0.68 -3.62
N ALA A 91 51.81 -0.76 -2.29
CA ALA A 91 51.74 0.43 -1.45
C ALA A 91 51.93 0.01 0.00
N VAL A 92 52.33 0.98 0.83
CA VAL A 92 52.16 0.89 2.27
C VAL A 92 50.73 1.29 2.62
N TYR A 93 50.05 0.47 3.42
CA TYR A 93 48.64 0.68 3.76
C TYR A 93 48.54 1.10 5.22
N TYR A 94 47.74 2.13 5.50
CA TYR A 94 47.49 2.62 6.85
C TYR A 94 46.00 2.50 7.16
N CYS A 95 45.67 1.97 8.33
CA CYS A 95 44.33 2.23 8.81
C CYS A 95 44.35 3.57 9.54
N ALA A 96 43.20 4.24 9.57
CA ALA A 96 43.15 5.61 10.07
C ALA A 96 41.78 5.89 10.68
N LYS A 97 41.78 6.66 11.76
CA LYS A 97 40.54 7.08 12.42
C LYS A 97 40.09 8.44 11.86
N ASP A 98 38.87 8.48 11.31
CA ASP A 98 38.36 9.66 10.65
C ASP A 98 37.94 10.72 11.68
N VAL A 99 38.14 11.98 11.31
CA VAL A 99 37.34 13.09 11.83
C VAL A 99 36.28 13.38 10.78
N PRO A 100 35.04 13.02 11.02
CA PRO A 100 34.03 12.97 9.95
C PRO A 100 33.41 14.32 9.63
N LEU A 101 34.25 15.29 9.26
CA LEU A 101 33.80 16.57 8.72
C LEU A 101 34.12 16.66 7.23
N GLY A 102 33.19 17.21 6.44
CA GLY A 102 33.39 17.24 4.99
C GLY A 102 33.62 15.83 4.44
N SER A 103 34.68 15.65 3.66
CA SER A 103 35.04 14.31 3.18
C SER A 103 36.07 13.61 4.07
N HIS A 104 36.36 14.17 5.26
CA HIS A 104 37.11 13.59 6.38
C HIS A 104 38.62 13.84 6.31
N TYR A 105 39.22 14.03 7.48
CA TYR A 105 40.67 13.98 7.67
C TYR A 105 40.92 13.00 8.80
N PHE A 106 42.20 12.81 9.16
CA PHE A 106 42.57 11.68 10.02
C PHE A 106 43.44 12.15 11.17
N ASP A 107 42.94 12.02 12.39
CA ASP A 107 43.77 12.44 13.52
C ASP A 107 44.56 11.29 14.13
N TYR A 108 44.19 10.03 13.88
CA TYR A 108 45.01 8.88 14.28
C TYR A 108 45.30 7.98 13.09
N TRP A 109 46.55 7.49 13.01
CA TRP A 109 47.02 6.62 11.95
C TRP A 109 47.64 5.37 12.57
N GLY A 110 47.51 4.26 11.85
CA GLY A 110 48.23 3.04 12.16
C GLY A 110 49.71 3.16 11.84
N GLN A 111 50.42 2.04 11.98
CA GLN A 111 51.87 2.05 11.73
C GLN A 111 52.22 1.93 10.25
N GLY A 112 51.34 1.35 9.44
CA GLY A 112 51.66 1.15 8.04
C GLY A 112 52.16 -0.25 7.74
N THR A 113 51.56 -0.92 6.77
CA THR A 113 51.97 -2.26 6.40
C THR A 113 52.18 -2.29 4.88
N LEU A 114 53.29 -2.88 4.46
CA LEU A 114 53.67 -2.90 3.05
C LEU A 114 53.06 -4.10 2.35
N VAL A 115 52.36 -3.84 1.25
CA VAL A 115 51.85 -4.89 0.37
C VAL A 115 52.59 -4.71 -0.95
N THR A 116 53.27 -5.76 -1.41
CA THR A 116 53.95 -5.72 -2.69
C THR A 116 53.32 -6.78 -3.62
N VAL A 117 52.87 -6.33 -4.79
CA VAL A 117 52.28 -7.21 -5.80
C VAL A 117 53.29 -7.36 -6.93
N SER A 118 53.79 -8.58 -7.12
CA SER A 118 54.91 -8.81 -8.02
C SER A 118 54.45 -8.73 -9.47
N SER A 119 55.40 -8.96 -10.38
CA SER A 119 55.19 -8.87 -11.83
C SER A 119 54.65 -7.52 -12.29
N GLY A 138 35.94 13.28 -11.07
CA GLY A 138 35.94 14.63 -10.57
C GLY A 138 36.46 14.79 -9.15
N GLU A 139 37.73 15.21 -9.02
CA GLU A 139 38.33 15.45 -7.71
C GLU A 139 39.09 16.77 -7.71
N ILE A 140 39.19 17.37 -6.52
CA ILE A 140 40.04 18.54 -6.33
C ILE A 140 41.49 18.11 -6.34
N VAL A 141 42.31 18.79 -7.12
CA VAL A 141 43.71 18.50 -7.23
C VAL A 141 44.48 19.48 -6.38
N LEU A 142 45.42 18.97 -5.58
CA LEU A 142 46.28 19.80 -4.75
C LEU A 142 47.70 19.76 -5.30
N THR A 143 48.25 20.93 -5.56
CA THR A 143 49.58 21.04 -6.14
C THR A 143 50.50 21.67 -5.10
N GLN A 144 51.54 20.94 -4.71
CA GLN A 144 52.45 21.39 -3.66
C GLN A 144 53.76 21.92 -4.26
N SER A 145 54.24 23.00 -3.68
CA SER A 145 55.43 23.68 -4.13
C SER A 145 56.25 24.19 -2.96
N PRO A 146 57.60 24.08 -3.04
CA PRO A 146 58.24 23.34 -4.14
C PRO A 146 58.26 21.85 -3.86
N GLY A 147 59.03 21.08 -4.62
CA GLY A 147 59.02 19.63 -4.44
C GLY A 147 59.94 19.15 -3.33
N THR A 148 61.13 19.76 -3.24
CA THR A 148 62.11 19.46 -2.20
C THR A 148 62.80 20.75 -1.78
N LEU A 149 63.01 20.92 -0.47
CA LEU A 149 63.75 22.03 0.09
C LEU A 149 64.89 21.50 0.95
N SER A 150 65.99 22.25 0.96
CA SER A 150 67.17 21.94 1.77
C SER A 150 67.53 23.21 2.51
N LEU A 151 67.35 23.21 3.84
CA LEU A 151 67.65 24.39 4.65
C LEU A 151 68.43 23.96 5.89
N SER A 152 68.90 24.97 6.63
CA SER A 152 69.69 24.77 7.84
C SER A 152 68.84 25.02 9.08
N PRO A 153 69.20 24.44 10.23
CA PRO A 153 68.40 24.66 11.45
C PRO A 153 68.26 26.14 11.76
N GLY A 154 67.14 26.49 12.37
CA GLY A 154 66.83 27.86 12.70
C GLY A 154 66.22 28.68 11.57
N GLU A 155 66.23 28.18 10.33
CA GLU A 155 65.65 28.94 9.22
C GLU A 155 64.14 28.79 9.19
N ARG A 156 63.49 29.75 8.55
CA ARG A 156 62.05 29.74 8.32
C ARG A 156 61.76 29.15 6.95
N VAL A 157 60.73 28.32 6.88
CA VAL A 157 60.30 27.72 5.62
C VAL A 157 58.80 27.88 5.48
N THR A 158 58.34 28.14 4.25
CA THR A 158 56.92 28.22 3.95
C THR A 158 56.63 27.30 2.76
N LEU A 159 55.69 26.39 2.95
CA LEU A 159 55.28 25.44 1.94
C LEU A 159 53.92 25.84 1.40
N SER A 160 53.76 25.73 0.07
CA SER A 160 52.51 26.09 -0.58
C SER A 160 51.67 24.87 -0.91
N CYS A 161 50.37 25.02 -0.77
CA CYS A 161 49.38 24.08 -1.27
C CYS A 161 48.40 24.88 -2.10
N ARG A 162 48.34 24.61 -3.40
CA ARG A 162 47.39 25.25 -4.30
C ARG A 162 46.33 24.23 -4.69
N ALA A 163 45.06 24.63 -4.64
CA ALA A 163 43.93 23.75 -4.95
C ALA A 163 43.34 24.11 -6.30
N SER A 164 42.85 23.09 -7.02
CA SER A 164 42.24 23.31 -8.33
C SER A 164 40.88 23.97 -8.23
N GLN A 165 40.26 23.96 -7.05
CA GLN A 165 39.00 24.62 -6.79
C GLN A 165 39.06 25.23 -5.39
N SER A 166 38.21 26.22 -5.16
CA SER A 166 38.18 26.89 -3.87
C SER A 166 37.77 25.92 -2.77
N VAL A 167 38.55 25.89 -1.69
CA VAL A 167 38.24 25.11 -0.49
C VAL A 167 37.53 26.08 0.47
N SER A 168 36.19 26.12 0.38
CA SER A 168 35.44 27.31 0.78
C SER A 168 35.40 27.54 2.29
N ILE A 169 35.37 26.48 3.11
CA ILE A 169 35.35 26.74 4.55
C ILE A 169 36.61 26.19 5.21
N ASN A 170 37.73 26.31 4.50
CA ASN A 170 39.06 26.04 5.06
C ASN A 170 39.23 24.59 5.50
N TYR A 171 38.54 23.66 4.83
CA TYR A 171 38.71 22.23 5.08
C TYR A 171 40.00 21.73 4.42
N LEU A 172 41.13 22.15 4.99
CA LEU A 172 42.44 21.78 4.49
C LEU A 172 43.30 21.37 5.67
N ALA A 173 43.91 20.19 5.59
CA ALA A 173 44.72 19.67 6.68
C ALA A 173 46.17 19.57 6.22
N TRP A 174 47.07 19.54 7.18
CA TRP A 174 48.50 19.35 6.94
C TRP A 174 48.99 18.17 7.77
N TYR A 175 49.77 17.29 7.15
CA TYR A 175 50.40 16.19 7.84
C TYR A 175 51.91 16.28 7.74
N GLN A 176 52.59 15.69 8.71
CA GLN A 176 54.02 15.52 8.69
C GLN A 176 54.32 14.03 8.68
N GLN A 177 55.14 13.57 7.73
CA GLN A 177 55.52 12.16 7.67
C GLN A 177 57.03 12.09 7.77
N LYS A 178 57.52 11.72 8.94
CA LYS A 178 58.94 11.51 9.11
C LYS A 178 59.35 10.19 8.43
N PRO A 179 60.63 10.06 8.08
CA PRO A 179 61.07 8.87 7.34
C PRO A 179 60.78 7.57 8.08
N GLY A 180 60.09 6.65 7.40
CA GLY A 180 59.78 5.37 7.99
C GLY A 180 58.58 5.36 8.93
N GLN A 181 57.83 6.45 9.01
CA GLN A 181 56.74 6.57 9.94
C GLN A 181 55.44 6.87 9.20
N ALA A 182 54.33 6.68 9.90
CA ALA A 182 53.03 7.08 9.40
C ALA A 182 52.93 8.60 9.40
N PRO A 183 52.10 9.18 8.53
CA PRO A 183 51.78 10.61 8.66
C PRO A 183 51.20 10.92 10.03
N ARG A 184 51.40 12.16 10.46
CA ARG A 184 50.90 12.69 11.72
C ARG A 184 50.23 14.02 11.43
N LEU A 185 48.97 14.16 11.84
CA LEU A 185 48.24 15.40 11.61
C LEU A 185 48.89 16.57 12.38
N LEU A 186 49.16 17.66 11.67
CA LEU A 186 49.65 18.89 12.27
C LEU A 186 48.60 19.98 12.33
N ILE A 187 47.90 20.20 11.21
CA ILE A 187 46.96 21.32 11.07
C ILE A 187 45.66 20.79 10.49
N TYR A 188 44.54 21.24 11.04
CA TYR A 188 43.24 21.03 10.42
C TYR A 188 42.53 22.37 10.34
N GLY A 189 41.48 22.41 9.53
CA GLY A 189 40.77 23.67 9.34
C GLY A 189 41.66 24.79 8.83
N ALA A 190 42.73 24.43 8.11
CA ALA A 190 43.67 25.34 7.46
C ALA A 190 44.58 26.06 8.45
N SER A 191 44.14 26.35 9.67
CA SER A 191 44.98 27.10 10.59
C SER A 191 44.99 26.60 12.03
N SER A 192 44.22 25.56 12.38
CA SER A 192 44.18 25.07 13.75
C SER A 192 45.22 23.98 13.97
N ARG A 193 46.06 24.15 14.99
CA ARG A 193 47.06 23.13 15.32
C ARG A 193 46.44 21.98 16.07
N ALA A 194 46.82 20.76 15.68
CA ALA A 194 46.38 19.56 16.38
C ALA A 194 47.03 19.47 17.76
N THR A 195 46.49 18.60 18.59
CA THR A 195 46.96 18.51 19.97
C THR A 195 48.43 18.08 20.02
N GLY A 196 49.21 18.77 20.84
CA GLY A 196 50.62 18.48 21.02
C GLY A 196 51.53 18.99 19.94
N ILE A 197 51.00 19.61 18.89
CA ILE A 197 51.82 20.12 17.80
C ILE A 197 52.47 21.42 18.22
N SER A 198 53.77 21.54 17.90
CA SER A 198 54.56 22.70 18.32
C SER A 198 54.04 23.98 17.67
N ASP A 199 54.17 25.08 18.42
CA ASP A 199 53.64 26.36 17.99
C ASP A 199 54.44 27.01 16.87
N ARG A 200 55.57 26.46 16.47
CA ARG A 200 56.29 26.99 15.32
C ARG A 200 55.79 26.43 14.01
N PHE A 201 54.75 25.61 14.03
CA PHE A 201 54.01 25.20 12.85
C PHE A 201 52.77 26.09 12.74
N SER A 202 52.62 26.76 11.60
CA SER A 202 51.58 27.76 11.42
C SER A 202 50.94 27.57 10.05
N GLY A 203 49.64 27.35 10.03
CA GLY A 203 48.89 27.25 8.79
C GLY A 203 48.09 28.52 8.56
N SER A 204 47.90 28.85 7.28
CA SER A 204 47.10 29.99 6.88
C SER A 204 46.66 29.80 5.44
N GLY A 205 45.98 30.80 4.91
CA GLY A 205 45.45 30.75 3.57
C GLY A 205 43.95 30.51 3.54
N SER A 206 43.39 30.66 2.36
CA SER A 206 41.96 30.55 2.11
C SER A 206 41.76 30.34 0.61
N GLY A 207 40.54 29.97 0.24
CA GLY A 207 40.20 29.77 -1.15
C GLY A 207 41.02 28.67 -1.79
N THR A 208 41.95 29.05 -2.66
CA THR A 208 42.77 28.10 -3.39
C THR A 208 44.23 28.09 -2.96
N ASP A 209 44.65 28.96 -2.06
CA ASP A 209 46.07 29.08 -1.74
C ASP A 209 46.26 28.93 -0.23
N PHE A 210 47.01 27.89 0.14
CA PHE A 210 47.28 27.60 1.53
C PHE A 210 48.78 27.49 1.75
N THR A 211 49.21 27.79 2.96
CA THR A 211 50.61 27.76 3.30
C THR A 211 50.79 27.12 4.66
N LEU A 212 51.88 26.35 4.80
CA LEU A 212 52.37 25.89 6.10
C LEU A 212 53.73 26.53 6.31
N THR A 213 53.89 27.21 7.44
CA THR A 213 55.14 27.86 7.82
C THR A 213 55.74 27.13 9.01
N ILE A 214 57.02 26.77 8.92
CA ILE A 214 57.78 26.26 10.07
C ILE A 214 58.82 27.31 10.39
N SER A 215 58.71 27.92 11.57
CA SER A 215 59.37 29.20 11.80
C SER A 215 60.86 29.02 12.13
N ARG A 216 61.22 28.07 12.98
CA ARG A 216 62.64 27.80 13.25
C ARG A 216 62.88 26.31 13.05
N LEU A 217 63.50 25.96 11.93
CA LEU A 217 63.69 24.56 11.58
C LEU A 217 64.58 23.88 12.61
N GLU A 218 64.20 22.65 12.95
CA GLU A 218 65.00 21.79 13.80
C GLU A 218 65.31 20.51 13.06
N PRO A 219 66.42 19.83 13.39
CA PRO A 219 66.73 18.57 12.70
C PRO A 219 65.56 17.60 12.66
N GLU A 220 64.79 17.50 13.75
CA GLU A 220 63.64 16.60 13.79
C GLU A 220 62.56 16.97 12.78
N ASP A 221 62.55 18.20 12.27
CA ASP A 221 61.56 18.58 11.26
C ASP A 221 61.80 17.93 9.90
N PHE A 222 62.88 17.14 9.74
CA PHE A 222 63.15 16.46 8.48
C PHE A 222 62.04 15.49 8.16
N ALA A 223 61.28 15.77 7.10
CA ALA A 223 60.06 15.03 6.83
C ALA A 223 59.52 15.49 5.48
N VAL A 224 58.50 14.77 5.01
CA VAL A 224 57.65 15.23 3.91
C VAL A 224 56.35 15.78 4.51
N TYR A 225 55.91 16.92 3.99
CA TYR A 225 54.70 17.60 4.43
C TYR A 225 53.67 17.50 3.32
N TYR A 226 52.50 16.97 3.66
CA TYR A 226 51.38 16.78 2.75
C TYR A 226 50.21 17.66 3.16
N CYS A 227 49.60 18.32 2.20
CA CYS A 227 48.29 18.89 2.47
C CYS A 227 47.20 17.91 2.04
N GLN A 228 46.01 18.09 2.59
CA GLN A 228 44.87 17.24 2.24
C GLN A 228 43.62 18.07 2.35
N GLN A 229 42.84 18.11 1.28
CA GLN A 229 41.58 18.82 1.33
C GLN A 229 40.49 17.83 1.73
N TYR A 230 39.61 18.27 2.63
CA TYR A 230 38.43 17.49 2.96
C TYR A 230 37.16 18.28 2.66
N ASP A 231 37.26 19.17 1.69
CA ASP A 231 36.12 19.90 1.17
C ASP A 231 35.18 18.98 0.39
N SER A 232 35.72 18.19 -0.55
CA SER A 232 34.95 17.41 -1.50
C SER A 232 35.42 15.97 -1.53
N SER A 233 34.52 15.08 -1.97
CA SER A 233 34.73 13.65 -2.14
C SER A 233 35.17 13.34 -3.56
N PRO A 234 36.18 12.48 -3.74
CA PRO A 234 36.91 11.86 -2.63
C PRO A 234 37.86 12.88 -1.99
N LEU A 235 38.23 12.67 -0.74
CA LEU A 235 39.34 13.44 -0.18
C LEU A 235 40.59 13.16 -1.00
N THR A 236 41.45 14.17 -1.12
CA THR A 236 42.67 14.06 -1.91
C THR A 236 43.80 14.75 -1.18
N PHE A 237 45.02 14.26 -1.40
CA PHE A 237 46.26 14.78 -0.82
C PHE A 237 47.10 15.49 -1.89
N GLY A 238 47.92 16.45 -1.44
CA GLY A 238 48.96 16.97 -2.30
C GLY A 238 50.08 15.96 -2.53
N GLY A 239 50.99 16.30 -3.43
CA GLY A 239 52.09 15.40 -3.72
C GLY A 239 53.20 15.39 -2.69
N GLY A 240 53.23 16.37 -1.81
CA GLY A 240 54.23 16.42 -0.77
C GLY A 240 55.39 17.34 -1.13
N THR A 241 55.95 17.99 -0.10
CA THR A 241 57.17 18.76 -0.18
C THR A 241 58.12 18.20 0.87
N LYS A 242 59.28 17.72 0.42
CA LYS A 242 60.27 17.20 1.35
C LYS A 242 61.10 18.37 1.88
N VAL A 243 61.28 18.41 3.19
CA VAL A 243 62.10 19.41 3.83
C VAL A 243 63.31 18.68 4.40
N GLU A 244 64.50 19.04 3.91
CA GLU A 244 65.75 18.46 4.35
C GLU A 244 66.49 19.46 5.21
N ILE A 245 67.07 18.95 6.31
CA ILE A 245 67.82 19.82 7.19
C ILE A 245 69.22 19.28 7.41
N LEU B 2 -7.99 23.88 -2.82
CA LEU B 2 -6.64 24.06 -3.34
C LEU B 2 -5.56 23.62 -2.34
N CYS B 3 -4.70 22.69 -2.78
CA CYS B 3 -3.76 22.06 -1.86
C CYS B 3 -2.80 23.10 -1.26
N PRO B 4 -2.44 22.97 0.01
CA PRO B 4 -1.61 23.97 0.69
C PRO B 4 -0.12 23.82 0.42
N PHE B 5 0.25 23.73 -0.85
CA PHE B 5 1.67 23.62 -1.18
C PHE B 5 2.40 24.92 -0.90
N GLY B 6 1.71 26.06 -0.98
CA GLY B 6 2.32 27.32 -0.60
C GLY B 6 2.90 27.28 0.80
N GLU B 7 2.17 26.70 1.75
CA GLU B 7 2.67 26.59 3.13
C GLU B 7 3.97 25.82 3.19
N VAL B 8 4.11 24.79 2.34
CA VAL B 8 5.33 24.01 2.37
C VAL B 8 6.45 24.75 1.64
N PHE B 9 6.26 25.03 0.35
CA PHE B 9 7.36 25.54 -0.46
C PHE B 9 7.77 26.95 -0.04
N ASN B 10 6.79 27.77 0.35
CA ASN B 10 7.05 29.17 0.65
C ASN B 10 7.14 29.44 2.15
N ALA B 11 7.30 28.41 2.97
CA ALA B 11 7.50 28.62 4.40
C ALA B 11 8.70 29.53 4.65
N THR B 12 8.59 30.34 5.70
CA THR B 12 9.67 31.28 6.03
C THR B 12 10.89 30.56 6.59
N ARG B 13 10.68 29.59 7.49
CA ARG B 13 11.75 28.78 8.06
C ARG B 13 11.50 27.31 7.74
N PHE B 14 12.58 26.58 7.47
CA PHE B 14 12.54 25.16 7.18
C PHE B 14 13.08 24.38 8.38
N ALA B 15 12.72 23.10 8.44
CA ALA B 15 13.21 22.23 9.50
C ALA B 15 14.68 21.86 9.27
N SER B 16 15.39 21.63 10.38
CA SER B 16 16.65 20.89 10.27
C SER B 16 16.38 19.49 9.72
N VAL B 17 17.30 18.98 8.91
CA VAL B 17 17.08 17.67 8.28
C VAL B 17 16.90 16.57 9.32
N TYR B 18 17.57 16.65 10.47
CA TYR B 18 17.42 15.56 11.44
C TYR B 18 16.01 15.49 12.02
N ALA B 19 15.31 16.62 12.04
CA ALA B 19 13.95 16.75 12.54
C ALA B 19 13.02 17.16 11.40
N TRP B 20 13.26 16.58 10.22
CA TRP B 20 12.54 16.98 9.01
C TRP B 20 11.03 17.02 9.24
N ASN B 21 10.39 17.97 8.59
CA ASN B 21 8.96 18.17 8.73
C ASN B 21 8.21 17.30 7.74
N ARG B 22 7.06 16.80 8.16
CA ARG B 22 6.13 16.12 7.27
C ARG B 22 4.77 16.82 7.35
N LYS B 23 4.26 17.24 6.21
CA LYS B 23 2.90 17.76 6.10
C LYS B 23 2.07 16.79 5.27
N ARG B 24 0.99 16.28 5.85
CA ARG B 24 0.05 15.45 5.09
C ARG B 24 -0.82 16.33 4.20
N ILE B 25 -0.91 15.97 2.93
CA ILE B 25 -1.80 16.62 1.98
C ILE B 25 -3.03 15.75 1.84
N SER B 26 -4.21 16.37 1.90
CA SER B 26 -5.44 15.61 1.76
C SER B 26 -6.61 16.54 1.44
N ASN B 27 -7.58 16.00 0.69
CA ASN B 27 -8.86 16.63 0.37
C ASN B 27 -8.65 18.02 -0.24
N CYS B 28 -7.99 18.03 -1.39
CA CYS B 28 -7.73 19.26 -2.12
C CYS B 28 -7.36 18.91 -3.55
N VAL B 29 -7.35 19.92 -4.41
CA VAL B 29 -6.92 19.80 -5.78
C VAL B 29 -5.54 20.43 -5.91
N ALA B 30 -4.67 19.82 -6.68
CA ALA B 30 -3.31 20.30 -6.86
C ALA B 30 -2.99 20.36 -8.35
N ASP B 31 -2.18 21.35 -8.73
CA ASP B 31 -1.71 21.49 -10.11
C ASP B 31 -0.20 21.35 -10.08
N TYR B 32 0.29 20.14 -10.34
CA TYR B 32 1.73 19.89 -10.26
C TYR B 32 2.48 20.48 -11.44
N SER B 33 1.82 20.63 -12.59
CA SER B 33 2.44 21.38 -13.69
C SER B 33 2.63 22.84 -13.31
N VAL B 34 1.67 23.42 -12.60
CA VAL B 34 1.83 24.78 -12.07
C VAL B 34 2.96 24.80 -11.07
N LEU B 35 3.02 23.79 -10.19
CA LEU B 35 4.09 23.72 -9.20
C LEU B 35 5.44 23.68 -9.88
N TYR B 36 5.59 22.81 -10.88
CA TYR B 36 6.86 22.68 -11.60
C TYR B 36 7.37 24.03 -12.07
N ASN B 37 6.56 24.76 -12.84
CA ASN B 37 6.96 26.06 -13.39
C ASN B 37 6.87 27.21 -12.40
N SER B 38 6.56 26.95 -11.13
CA SER B 38 6.28 28.04 -10.20
C SER B 38 7.53 28.79 -9.78
N ALA B 39 8.70 28.15 -9.88
CA ALA B 39 9.95 28.80 -9.50
C ALA B 39 11.10 28.14 -10.24
N SER B 40 12.30 28.64 -9.96
CA SER B 40 13.52 28.01 -10.46
C SER B 40 13.93 26.98 -9.41
N PHE B 41 13.87 25.71 -9.78
CA PHE B 41 14.29 24.61 -8.92
C PHE B 41 15.55 24.02 -9.53
N SER B 42 16.63 23.97 -8.74
CA SER B 42 17.84 23.33 -9.24
C SER B 42 17.69 21.81 -9.37
N THR B 43 16.75 21.22 -8.63
CA THR B 43 16.48 19.79 -8.70
C THR B 43 14.97 19.60 -8.73
N PHE B 44 14.49 18.81 -9.68
CA PHE B 44 13.08 18.44 -9.69
C PHE B 44 13.03 17.09 -10.40
N LYS B 45 13.24 16.03 -9.62
CA LYS B 45 13.37 14.68 -10.14
C LYS B 45 12.23 13.82 -9.61
N CYS B 46 11.50 13.17 -10.51
CA CYS B 46 10.38 12.35 -10.11
C CYS B 46 10.64 10.90 -10.45
N TYR B 47 10.15 10.02 -9.58
CA TYR B 47 10.38 8.58 -9.67
C TYR B 47 9.03 7.89 -9.76
N GLY B 48 8.78 7.21 -10.88
CA GLY B 48 7.55 6.48 -11.08
C GLY B 48 6.36 7.32 -11.51
N VAL B 49 6.44 8.64 -11.36
CA VAL B 49 5.42 9.56 -11.82
C VAL B 49 6.11 10.70 -12.54
N SER B 50 5.31 11.62 -13.07
CA SER B 50 5.80 12.86 -13.65
C SER B 50 4.77 13.94 -13.36
N PRO B 51 5.18 15.20 -13.28
CA PRO B 51 4.20 16.28 -13.03
C PRO B 51 3.01 16.22 -13.98
N THR B 52 3.29 16.06 -15.28
CA THR B 52 2.21 15.98 -16.27
C THR B 52 1.19 14.91 -15.92
N LYS B 53 1.66 13.75 -15.44
CA LYS B 53 0.74 12.66 -15.16
C LYS B 53 0.12 12.76 -13.78
N LEU B 54 0.75 13.48 -12.85
CA LEU B 54 0.18 13.64 -11.52
C LEU B 54 -1.13 14.41 -11.56
N ASN B 55 -1.28 15.34 -12.51
CA ASN B 55 -2.52 16.09 -12.64
C ASN B 55 -3.70 15.20 -13.03
N ASP B 56 -3.44 14.01 -13.54
CA ASP B 56 -4.49 13.17 -14.11
C ASP B 56 -5.14 12.24 -13.09
N LEU B 57 -4.65 12.21 -11.84
CA LEU B 57 -5.03 11.16 -10.91
C LEU B 57 -5.30 11.72 -9.52
N CYS B 58 -6.15 11.01 -8.77
CA CYS B 58 -6.25 11.17 -7.33
C CYS B 58 -5.36 10.16 -6.63
N PHE B 59 -4.73 10.58 -5.54
CA PHE B 59 -3.86 9.71 -4.75
C PHE B 59 -4.40 9.59 -3.33
N THR B 60 -3.90 8.60 -2.59
CA THR B 60 -4.39 8.32 -1.25
C THR B 60 -3.55 8.96 -0.15
N ASN B 61 -2.24 8.73 -0.15
CA ASN B 61 -1.32 9.20 0.88
C ASN B 61 -0.31 10.12 0.21
N VAL B 62 -0.58 11.43 0.20
CA VAL B 62 0.34 12.42 -0.34
C VAL B 62 0.98 13.16 0.83
N TYR B 63 2.30 13.06 0.94
CA TYR B 63 3.07 13.70 1.99
C TYR B 63 4.06 14.66 1.37
N ALA B 64 4.25 15.80 2.02
CA ALA B 64 5.29 16.76 1.65
C ALA B 64 6.24 16.85 2.84
N ASP B 65 7.43 16.29 2.66
CA ASP B 65 8.50 16.36 3.65
C ASP B 65 9.47 17.46 3.26
N SER B 66 9.98 18.19 4.25
CA SER B 66 10.85 19.30 3.88
C SER B 66 11.89 19.55 4.97
N PHE B 67 13.03 20.09 4.54
CA PHE B 67 14.22 20.27 5.39
C PHE B 67 15.28 21.02 4.60
N VAL B 68 16.37 21.36 5.29
CA VAL B 68 17.53 22.04 4.69
C VAL B 68 18.76 21.15 4.83
N ILE B 69 19.51 21.00 3.74
CA ILE B 69 20.83 20.36 3.75
C ILE B 69 21.78 21.20 2.91
N ARG B 70 23.04 20.78 2.81
CA ARG B 70 23.96 21.57 2.01
C ARG B 70 24.05 21.03 0.58
N GLY B 71 24.57 21.87 -0.32
CA GLY B 71 24.53 21.56 -1.75
C GLY B 71 25.02 20.17 -2.10
N ASP B 72 26.15 19.75 -1.53
CA ASP B 72 26.76 18.47 -1.92
C ASP B 72 25.97 17.27 -1.42
N GLU B 73 24.92 17.47 -0.63
CA GLU B 73 24.20 16.36 -0.06
C GLU B 73 22.88 16.10 -0.75
N VAL B 74 22.44 17.02 -1.62
CA VAL B 74 21.16 16.86 -2.31
C VAL B 74 21.13 15.54 -3.07
N ARG B 75 22.26 15.11 -3.62
CA ARG B 75 22.34 13.83 -4.32
C ARG B 75 21.92 12.66 -3.44
N GLN B 76 21.99 12.81 -2.11
CA GLN B 76 21.60 11.72 -1.22
C GLN B 76 20.10 11.58 -1.08
N ILE B 77 19.33 12.58 -1.51
CA ILE B 77 17.87 12.50 -1.44
C ILE B 77 17.41 11.87 -2.74
N ALA B 78 17.62 10.57 -2.85
CA ALA B 78 17.36 9.79 -4.05
C ALA B 78 17.35 8.33 -3.63
N PRO B 79 16.58 7.48 -4.31
CA PRO B 79 16.54 6.07 -3.93
C PRO B 79 17.93 5.44 -4.02
N GLY B 80 18.25 4.62 -3.03
CA GLY B 80 19.43 3.78 -3.08
C GLY B 80 20.71 4.47 -2.67
N GLN B 81 20.66 5.67 -2.12
CA GLN B 81 21.86 6.43 -1.79
C GLN B 81 22.29 6.16 -0.35
N THR B 82 23.57 6.43 -0.09
CA THR B 82 24.13 6.34 1.24
C THR B 82 24.95 7.59 1.50
N GLY B 83 25.27 7.82 2.77
CA GLY B 83 25.91 9.04 3.22
C GLY B 83 25.31 9.44 4.54
N LYS B 84 25.82 10.49 5.17
CA LYS B 84 25.31 10.87 6.49
C LYS B 84 23.84 11.27 6.43
N ILE B 85 23.40 11.88 5.34
CA ILE B 85 22.02 12.32 5.25
C ILE B 85 21.09 11.15 5.00
N ALA B 86 21.40 10.32 4.00
CA ALA B 86 20.55 9.16 3.73
C ALA B 86 20.56 8.17 4.89
N ASP B 87 21.72 8.01 5.54
CA ASP B 87 21.85 6.98 6.56
C ASP B 87 21.28 7.42 7.90
N TYR B 88 21.52 8.66 8.30
CA TYR B 88 21.18 9.09 9.65
C TYR B 88 20.14 10.20 9.73
N ASN B 89 19.64 10.73 8.61
CA ASN B 89 18.73 11.87 8.75
C ASN B 89 17.40 11.69 8.01
N TYR B 90 17.46 11.48 6.71
CA TYR B 90 16.27 11.33 5.87
C TYR B 90 16.56 10.30 4.80
N LYS B 91 15.81 9.21 4.80
CA LYS B 91 16.08 8.06 3.93
C LYS B 91 14.91 7.81 3.01
N LEU B 92 15.16 7.87 1.69
CA LEU B 92 14.10 7.50 0.76
C LEU B 92 14.09 5.98 0.61
N PRO B 93 12.93 5.38 0.36
CA PRO B 93 12.90 3.94 0.07
C PRO B 93 13.55 3.62 -1.28
N ASP B 94 14.04 2.39 -1.39
CA ASP B 94 14.72 1.97 -2.62
C ASP B 94 13.84 2.14 -3.85
N ASP B 95 12.52 2.00 -3.70
CA ASP B 95 11.59 2.07 -4.83
C ASP B 95 10.55 3.16 -4.63
N PHE B 96 11.03 4.31 -4.21
CA PHE B 96 10.23 5.49 -3.95
C PHE B 96 9.34 5.87 -5.13
N THR B 97 8.10 6.26 -4.84
CA THR B 97 7.18 6.87 -5.81
C THR B 97 6.95 8.32 -5.40
N GLY B 98 7.51 9.26 -6.16
CA GLY B 98 7.26 10.67 -5.90
C GLY B 98 8.33 11.54 -6.53
N CYS B 99 8.48 12.74 -5.97
CA CYS B 99 9.33 13.77 -6.54
C CYS B 99 10.21 14.37 -5.48
N VAL B 100 11.46 14.65 -5.87
CA VAL B 100 12.44 15.35 -5.04
C VAL B 100 12.66 16.72 -5.65
N ILE B 101 12.38 17.77 -4.89
CA ILE B 101 12.48 19.13 -5.39
C ILE B 101 13.43 19.90 -4.47
N ALA B 102 14.40 20.59 -5.07
CA ALA B 102 15.36 21.34 -4.28
C ALA B 102 15.70 22.66 -4.96
N TRP B 103 16.07 23.65 -4.13
CA TRP B 103 16.57 24.90 -4.68
C TRP B 103 17.61 25.47 -3.71
N ASN B 104 18.51 26.28 -4.27
CA ASN B 104 19.51 26.97 -3.47
C ASN B 104 18.86 28.06 -2.63
N SER B 105 19.12 28.05 -1.34
CA SER B 105 18.51 29.01 -0.42
C SER B 105 19.58 29.84 0.30
N ASN B 106 20.70 30.09 -0.38
CA ASN B 106 21.77 30.89 0.22
C ASN B 106 21.27 32.28 0.61
N ASN B 107 20.31 32.83 -0.14
CA ASN B 107 19.83 34.17 0.16
C ASN B 107 18.95 34.21 1.41
N LEU B 108 18.32 33.09 1.78
CA LEU B 108 17.47 33.03 2.96
C LEU B 108 18.15 32.44 4.18
N ASP B 109 18.93 31.38 3.99
CA ASP B 109 19.37 30.55 5.11
C ASP B 109 20.82 30.77 5.50
N SER B 110 21.54 31.64 4.84
CA SER B 110 22.90 31.92 5.28
C SER B 110 22.90 33.26 6.01
N LYS B 111 23.89 33.43 6.87
CA LYS B 111 24.05 34.73 7.53
C LYS B 111 25.52 35.07 7.57
N VAL B 112 25.79 36.38 7.51
CA VAL B 112 27.11 36.89 7.84
C VAL B 112 27.46 36.48 9.26
N GLY B 113 28.59 35.84 9.43
CA GLY B 113 28.91 35.31 10.73
C GLY B 113 28.44 33.91 10.98
N GLY B 114 27.58 33.38 10.11
CA GLY B 114 27.27 31.96 10.13
C GLY B 114 25.92 31.65 10.72
N ASN B 115 25.14 30.86 9.98
CA ASN B 115 23.91 30.28 10.50
C ASN B 115 24.26 28.90 11.03
N TYR B 116 24.23 28.73 12.35
CA TYR B 116 24.46 27.41 12.93
C TYR B 116 23.17 26.84 13.51
N ASN B 117 22.02 27.30 13.01
CA ASN B 117 20.72 26.85 13.49
C ASN B 117 20.32 25.52 12.84
N TYR B 118 20.71 25.29 11.60
CA TYR B 118 20.38 24.04 10.93
C TYR B 118 21.35 22.94 11.35
N LEU B 119 20.81 21.77 11.74
CA LEU B 119 21.60 20.67 12.26
C LEU B 119 21.41 19.41 11.43
N TYR B 120 22.41 18.53 11.47
CA TYR B 120 22.27 17.19 10.93
C TYR B 120 22.90 16.21 11.90
N ARG B 121 22.37 14.99 11.92
CA ARG B 121 22.91 13.93 12.75
C ARG B 121 24.18 13.40 12.10
N LEU B 122 25.25 13.36 12.88
CA LEU B 122 26.56 12.91 12.45
C LEU B 122 26.91 11.52 12.95
N PHE B 123 26.45 11.15 14.15
CA PHE B 123 26.76 9.85 14.73
C PHE B 123 25.48 9.05 14.98
N ARG B 124 25.49 7.80 14.53
CA ARG B 124 24.40 6.86 14.73
C ARG B 124 24.95 5.46 14.52
N LYS B 125 24.53 4.52 15.37
CA LYS B 125 25.06 3.17 15.29
C LYS B 125 24.47 2.36 14.14
N SER B 126 23.41 2.84 13.50
CA SER B 126 22.78 2.07 12.43
C SER B 126 21.99 3.02 11.55
N ASN B 127 21.57 2.52 10.40
CA ASN B 127 20.97 3.39 9.39
C ASN B 127 19.45 3.45 9.55
N LEU B 128 18.89 4.56 9.07
CA LEU B 128 17.45 4.77 9.15
C LEU B 128 16.71 3.85 8.17
N LYS B 129 15.53 3.42 8.57
CA LYS B 129 14.63 2.83 7.60
C LYS B 129 13.98 3.93 6.78
N PRO B 130 13.42 3.61 5.62
CA PRO B 130 12.81 4.65 4.79
C PRO B 130 11.74 5.43 5.55
N PHE B 131 11.80 6.75 5.45
CA PHE B 131 10.83 7.68 6.04
C PHE B 131 10.86 7.67 7.57
N GLU B 132 11.92 7.12 8.17
CA GLU B 132 12.11 7.15 9.61
C GLU B 132 12.69 8.50 10.03
N ARG B 133 12.37 8.91 11.25
CA ARG B 133 12.88 10.14 11.83
C ARG B 133 13.48 9.82 13.19
N ASP B 134 14.69 10.32 13.44
CA ASP B 134 15.36 10.17 14.73
C ASP B 134 15.62 11.57 15.27
N ILE B 135 14.91 11.94 16.32
CA ILE B 135 15.04 13.27 16.91
C ILE B 135 15.72 13.24 18.27
N SER B 136 16.28 12.09 18.67
CA SER B 136 16.97 12.00 19.95
C SER B 136 18.25 12.84 19.93
N THR B 137 18.65 13.31 21.12
CA THR B 137 19.88 14.07 21.30
C THR B 137 20.74 13.46 22.42
N GLU B 138 20.60 12.16 22.67
CA GLU B 138 21.42 11.50 23.66
C GLU B 138 22.89 11.49 23.25
N ILE B 139 23.77 11.62 24.24
CA ILE B 139 25.21 11.61 23.96
C ILE B 139 25.59 10.29 23.30
N TYR B 140 26.31 10.39 22.19
CA TYR B 140 26.74 9.22 21.44
C TYR B 140 27.96 8.61 22.13
N GLN B 141 27.84 7.36 22.54
CA GLN B 141 28.91 6.66 23.25
C GLN B 141 29.78 5.94 22.23
N ALA B 142 30.91 6.54 21.86
CA ALA B 142 31.83 6.00 20.86
C ALA B 142 32.90 5.09 21.46
N GLY B 143 32.97 4.99 22.78
CA GLY B 143 33.94 4.12 23.42
C GLY B 143 33.25 3.21 24.41
N SER B 144 34.02 2.47 25.20
CA SER B 144 33.40 1.49 26.07
C SER B 144 32.86 2.11 27.35
N THR B 145 33.21 3.34 27.67
CA THR B 145 32.78 3.95 28.92
C THR B 145 31.46 4.69 28.73
N PRO B 146 30.44 4.42 29.55
CA PRO B 146 29.20 5.21 29.46
C PRO B 146 29.48 6.69 29.62
N CYS B 147 28.69 7.50 28.92
CA CYS B 147 28.85 8.94 28.95
C CYS B 147 28.07 9.61 30.08
N ASN B 148 26.83 9.16 30.30
CA ASN B 148 25.92 9.73 31.30
C ASN B 148 25.75 11.24 31.12
N GLY B 149 25.33 11.62 29.90
CA GLY B 149 24.93 12.99 29.61
C GLY B 149 26.05 13.99 29.45
N VAL B 150 27.31 13.57 29.57
CA VAL B 150 28.46 14.47 29.56
C VAL B 150 29.14 14.39 28.20
N GLU B 151 29.31 15.53 27.54
CA GLU B 151 30.18 15.60 26.37
C GLU B 151 31.65 15.49 26.80
N GLY B 152 32.48 15.09 25.84
CA GLY B 152 33.89 14.86 26.13
C GLY B 152 34.52 13.86 25.17
N PHE B 153 35.41 13.01 25.69
CA PHE B 153 36.23 12.12 24.86
C PHE B 153 35.49 10.81 24.63
N ASN B 154 35.33 10.45 23.35
CA ASN B 154 34.49 9.32 22.92
C ASN B 154 33.04 9.48 23.33
N CYS B 155 32.63 10.70 23.66
CA CYS B 155 31.27 11.01 24.08
C CYS B 155 30.83 12.26 23.31
N TYR B 156 30.07 12.07 22.23
CA TYR B 156 29.77 13.13 21.28
C TYR B 156 28.30 13.50 21.30
N PHE B 157 28.02 14.80 21.35
CA PHE B 157 26.70 15.27 20.96
C PHE B 157 26.42 14.75 19.55
N PRO B 158 25.31 14.07 19.32
CA PRO B 158 25.13 13.34 18.05
C PRO B 158 24.89 14.21 16.84
N LEU B 159 24.49 15.47 17.03
CA LEU B 159 24.20 16.37 15.91
C LEU B 159 25.35 17.34 15.70
N GLN B 160 25.44 17.85 14.47
CA GLN B 160 26.42 18.86 14.12
C GLN B 160 25.72 19.94 13.30
N SER B 161 26.27 21.14 13.31
CA SER B 161 25.65 22.24 12.58
C SER B 161 26.30 22.41 11.21
N TYR B 162 25.49 22.72 10.21
CA TYR B 162 26.02 23.42 9.05
C TYR B 162 26.35 24.82 9.50
N GLY B 163 27.44 25.36 9.03
CA GLY B 163 27.62 26.77 9.32
C GLY B 163 27.39 27.51 8.04
N PHE B 164 26.19 28.05 7.84
CA PHE B 164 25.87 28.63 6.54
C PHE B 164 26.33 30.08 6.57
N GLN B 165 27.39 30.36 5.81
CA GLN B 165 27.92 31.67 5.51
C GLN B 165 27.70 31.98 4.03
N PRO B 166 27.34 33.22 3.71
CA PRO B 166 27.01 33.55 2.32
C PRO B 166 28.16 33.33 1.36
N THR B 167 29.41 33.44 1.81
CA THR B 167 30.58 33.23 0.97
C THR B 167 30.98 31.76 0.81
N ASN B 168 30.19 30.81 1.33
CA ASN B 168 30.48 29.40 1.11
C ASN B 168 30.43 29.06 -0.36
N GLY B 169 31.21 28.05 -0.76
CA GLY B 169 31.01 27.43 -2.05
C GLY B 169 29.65 26.77 -2.13
N VAL B 170 29.20 26.49 -3.35
CA VAL B 170 27.84 25.96 -3.54
C VAL B 170 27.66 24.64 -2.79
N GLY B 171 28.71 23.81 -2.75
CA GLY B 171 28.59 22.53 -2.09
C GLY B 171 28.29 22.65 -0.61
N TYR B 172 28.61 23.81 -0.01
CA TYR B 172 28.37 24.10 1.39
C TYR B 172 27.33 25.21 1.60
N GLN B 173 26.61 25.59 0.57
CA GLN B 173 25.49 26.52 0.67
C GLN B 173 24.20 25.76 1.00
N PRO B 174 23.27 26.39 1.71
CA PRO B 174 22.01 25.72 2.06
C PRO B 174 21.15 25.49 0.84
N TYR B 175 20.46 24.35 0.83
CA TYR B 175 19.44 23.98 -0.16
C TYR B 175 18.17 23.56 0.58
N ARG B 176 17.04 24.17 0.22
CA ARG B 176 15.77 23.74 0.73
C ARG B 176 15.27 22.59 -0.12
N VAL B 177 14.72 21.58 0.53
CA VAL B 177 14.31 20.33 -0.12
C VAL B 177 12.86 20.03 0.27
N VAL B 178 12.06 19.64 -0.73
CA VAL B 178 10.70 19.17 -0.52
C VAL B 178 10.57 17.82 -1.21
N VAL B 179 10.10 16.83 -0.49
CA VAL B 179 9.92 15.49 -1.02
C VAL B 179 8.42 15.19 -1.02
N LEU B 180 7.85 15.04 -2.21
CA LEU B 180 6.46 14.65 -2.36
C LEU B 180 6.36 13.14 -2.54
N SER B 181 5.57 12.49 -1.68
CA SER B 181 5.28 11.07 -1.73
C SER B 181 3.86 10.83 -2.24
N PHE B 182 3.68 9.75 -2.99
CA PHE B 182 2.38 9.41 -3.56
C PHE B 182 2.17 7.91 -3.46
N GLU B 183 0.98 7.51 -3.00
CA GLU B 183 0.56 6.12 -3.05
C GLU B 183 -0.84 6.05 -3.64
N LEU B 184 -1.10 4.98 -4.40
CA LEU B 184 -2.45 4.66 -4.85
C LEU B 184 -2.84 3.33 -4.22
N LEU B 185 -3.84 3.36 -3.34
CA LEU B 185 -4.30 2.20 -2.59
C LEU B 185 -5.78 1.97 -2.83
N HIS B 186 -6.24 0.83 -2.36
CA HIS B 186 -7.67 0.57 -2.28
C HIS B 186 -8.24 1.28 -1.05
N ALA B 187 -7.94 2.57 -0.95
CA ALA B 187 -8.33 3.47 0.11
C ALA B 187 -8.84 4.74 -0.55
N PRO B 188 -9.60 5.58 0.18
CA PRO B 188 -10.03 6.85 -0.41
C PRO B 188 -8.84 7.64 -0.95
N ALA B 189 -9.04 8.22 -2.13
CA ALA B 189 -8.01 9.00 -2.81
C ALA B 189 -8.54 10.42 -2.92
N THR B 190 -8.01 11.32 -2.09
CA THR B 190 -8.59 12.64 -1.89
C THR B 190 -7.69 13.80 -2.35
N VAL B 191 -6.43 13.55 -2.67
CA VAL B 191 -5.59 14.55 -3.32
C VAL B 191 -5.70 14.33 -4.82
N CYS B 192 -6.38 15.23 -5.51
CA CYS B 192 -6.67 15.09 -6.93
C CYS B 192 -6.02 16.22 -7.72
N GLY B 193 -5.88 16.00 -9.02
CA GLY B 193 -5.43 17.02 -9.93
C GLY B 193 -6.61 17.78 -10.50
N PRO B 194 -6.33 18.70 -11.44
CA PRO B 194 -7.38 19.54 -12.04
C PRO B 194 -8.56 18.76 -12.61
N GLU C 1 -42.59 -28.28 13.73
CA GLU C 1 -41.14 -28.34 13.61
C GLU C 1 -40.56 -26.93 13.49
N VAL C 2 -40.69 -26.35 12.30
CA VAL C 2 -40.42 -24.93 12.11
C VAL C 2 -41.62 -24.13 12.56
N GLN C 3 -41.39 -23.18 13.46
CA GLN C 3 -42.44 -22.33 14.01
C GLN C 3 -41.96 -20.89 14.01
N LEU C 4 -42.82 -19.99 13.52
CA LEU C 4 -42.58 -18.55 13.52
C LEU C 4 -43.74 -17.88 14.23
N VAL C 5 -43.47 -17.18 15.32
CA VAL C 5 -44.52 -16.60 16.16
C VAL C 5 -44.21 -15.13 16.43
N GLU C 6 -44.98 -14.24 15.81
CA GLU C 6 -44.82 -12.80 16.00
C GLU C 6 -45.42 -12.35 17.32
N SER C 7 -44.77 -11.36 17.94
CA SER C 7 -45.40 -10.60 19.02
C SER C 7 -45.11 -9.12 18.78
N GLY C 8 -45.81 -8.26 19.50
CA GLY C 8 -45.76 -6.83 19.24
C GLY C 8 -46.69 -6.45 18.10
N GLY C 9 -46.95 -5.14 17.98
CA GLY C 9 -47.88 -4.62 17.01
C GLY C 9 -48.90 -3.70 17.65
N GLY C 10 -50.04 -3.55 17.00
CA GLY C 10 -51.15 -2.80 17.55
C GLY C 10 -51.35 -1.44 16.89
N LEU C 11 -51.94 -0.54 17.67
CA LEU C 11 -52.43 0.74 17.20
C LEU C 11 -51.42 1.81 17.60
N ILE C 12 -50.90 2.54 16.63
CA ILE C 12 -49.81 3.50 16.85
C ILE C 12 -50.20 4.83 16.20
N GLN C 13 -49.76 5.92 16.84
CA GLN C 13 -50.01 7.25 16.28
C GLN C 13 -49.17 7.45 15.02
N PRO C 14 -49.66 8.22 14.05
CA PRO C 14 -48.86 8.50 12.87
C PRO C 14 -47.55 9.18 13.23
N GLY C 15 -46.46 8.71 12.62
CA GLY C 15 -45.14 9.18 12.98
C GLY C 15 -44.55 8.56 14.23
N GLY C 16 -45.23 7.58 14.84
CA GLY C 16 -44.70 6.87 15.98
C GLY C 16 -43.84 5.69 15.56
N SER C 17 -43.39 4.94 16.55
CA SER C 17 -42.48 3.84 16.32
C SER C 17 -42.96 2.59 17.06
N LEU C 18 -42.46 1.45 16.61
CA LEU C 18 -43.01 0.16 17.02
C LEU C 18 -42.03 -0.93 16.64
N ARG C 19 -41.75 -1.85 17.55
CA ARG C 19 -40.88 -2.98 17.22
C ARG C 19 -41.69 -4.27 17.19
N LEU C 20 -41.72 -4.92 16.04
CA LEU C 20 -42.24 -6.28 15.94
C LEU C 20 -41.13 -7.26 16.25
N SER C 21 -41.50 -8.42 16.78
CA SER C 21 -40.52 -9.48 16.95
C SER C 21 -41.13 -10.80 16.52
N CYS C 22 -40.26 -11.75 16.18
CA CYS C 22 -40.64 -13.04 15.61
C CYS C 22 -39.78 -14.10 16.31
N ALA C 23 -40.36 -14.81 17.24
CA ALA C 23 -39.66 -15.88 17.93
C ALA C 23 -39.72 -17.13 17.07
N ALA C 24 -38.56 -17.67 16.71
CA ALA C 24 -38.51 -18.80 15.80
C ALA C 24 -38.11 -20.08 16.52
N SER C 25 -38.60 -21.20 16.00
CA SER C 25 -38.25 -22.52 16.48
C SER C 25 -37.92 -23.41 15.28
N GLY C 26 -37.01 -24.37 15.49
CA GLY C 26 -36.68 -25.33 14.45
C GLY C 26 -35.54 -24.94 13.52
N PHE C 27 -34.89 -23.80 13.75
CA PHE C 27 -33.70 -23.37 13.02
C PHE C 27 -33.15 -22.18 13.79
N ILE C 28 -31.92 -21.80 13.46
CA ILE C 28 -31.21 -20.72 14.15
C ILE C 28 -31.36 -19.46 13.31
N VAL C 29 -32.05 -18.46 13.87
CA VAL C 29 -32.37 -17.23 13.14
C VAL C 29 -31.13 -16.57 12.58
N SER C 30 -30.08 -16.50 13.40
CA SER C 30 -28.88 -15.77 13.01
C SER C 30 -28.08 -16.46 11.91
N ARG C 31 -28.52 -17.63 11.44
CA ARG C 31 -27.79 -18.38 10.41
C ARG C 31 -28.63 -18.57 9.15
N ASN C 32 -29.81 -17.98 9.09
CA ASN C 32 -30.72 -18.26 8.00
C ASN C 32 -31.20 -16.97 7.36
N TYR C 33 -31.64 -17.06 6.11
CA TYR C 33 -32.32 -15.94 5.45
C TYR C 33 -33.75 -15.84 5.97
N MET C 34 -34.19 -14.60 6.25
CA MET C 34 -35.51 -14.38 6.81
C MET C 34 -36.04 -13.02 6.37
N SER C 35 -37.37 -12.86 6.45
CA SER C 35 -38.01 -11.71 5.84
C SER C 35 -39.25 -11.30 6.62
N TRP C 36 -39.72 -10.09 6.32
CA TRP C 36 -41.04 -9.61 6.74
C TRP C 36 -41.85 -9.31 5.49
N VAL C 37 -43.08 -9.82 5.45
CA VAL C 37 -44.01 -9.59 4.36
C VAL C 37 -45.28 -9.01 4.97
N ARG C 38 -45.86 -8.01 4.33
CA ARG C 38 -47.06 -7.40 4.88
C ARG C 38 -48.21 -7.47 3.87
N GLN C 39 -49.42 -7.36 4.40
CA GLN C 39 -50.63 -7.50 3.61
C GLN C 39 -51.52 -6.34 4.02
N ALA C 40 -51.61 -5.39 3.18
CA ALA C 40 -52.44 -4.21 3.36
C ALA C 40 -53.69 -4.34 2.51
N PRO C 41 -54.82 -3.83 3.01
CA PRO C 41 -56.07 -3.96 2.23
C PRO C 41 -55.96 -3.39 0.83
N GLY C 42 -55.15 -2.33 0.65
CA GLY C 42 -54.95 -1.74 -0.67
C GLY C 42 -53.96 -2.42 -1.59
N LYS C 43 -52.75 -2.75 -1.10
CA LYS C 43 -51.68 -3.20 -1.96
C LYS C 43 -51.62 -4.72 -2.13
N GLY C 44 -52.28 -5.49 -1.26
CA GLY C 44 -52.11 -6.94 -1.32
C GLY C 44 -50.88 -7.39 -0.53
N LEU C 45 -50.30 -8.52 -0.95
CA LEU C 45 -49.06 -8.98 -0.33
C LEU C 45 -47.86 -8.21 -0.85
N GLU C 46 -46.97 -7.79 0.04
CA GLU C 46 -45.87 -6.91 -0.33
C GLU C 46 -44.66 -7.22 0.54
N TRP C 47 -43.56 -7.65 -0.07
CA TRP C 47 -42.33 -7.85 0.67
C TRP C 47 -41.86 -6.52 1.27
N VAL C 48 -41.40 -6.57 2.52
CA VAL C 48 -41.01 -5.39 3.27
C VAL C 48 -39.49 -5.33 3.46
N SER C 49 -38.88 -6.42 3.93
CA SER C 49 -37.50 -6.38 4.36
C SER C 49 -36.97 -7.80 4.50
N GLY C 50 -35.67 -7.98 4.24
CA GLY C 50 -35.04 -9.28 4.42
C GLY C 50 -33.66 -9.14 5.01
N ILE C 51 -33.25 -10.17 5.74
CA ILE C 51 -31.89 -10.27 6.24
C ILE C 51 -31.27 -11.57 5.74
N TYR C 52 -30.00 -11.50 5.37
CA TYR C 52 -29.28 -12.66 4.83
C TYR C 52 -28.68 -13.52 5.93
N SER C 53 -28.27 -14.74 5.56
CA SER C 53 -27.63 -15.60 6.54
C SER C 53 -26.43 -14.89 7.14
N GLY C 54 -25.68 -14.13 6.32
CA GLY C 54 -24.50 -13.39 6.72
C GLY C 54 -24.72 -12.00 7.26
N GLY C 55 -25.95 -11.49 7.27
CA GLY C 55 -26.27 -10.27 7.98
C GLY C 55 -26.62 -9.07 7.12
N SER C 56 -26.37 -9.13 5.81
CA SER C 56 -26.79 -8.05 4.93
C SER C 56 -28.30 -7.86 5.00
N THR C 57 -28.73 -6.60 4.97
CA THR C 57 -30.15 -6.28 5.08
C THR C 57 -30.64 -5.60 3.81
N PHE C 58 -31.92 -5.81 3.50
CA PHE C 58 -32.53 -5.26 2.29
C PHE C 58 -33.94 -4.81 2.63
N TYR C 59 -34.42 -3.78 1.92
CA TYR C 59 -35.65 -3.08 2.25
C TYR C 59 -36.42 -2.74 0.99
N ALA C 60 -37.75 -2.87 1.04
CA ALA C 60 -38.57 -2.31 -0.03
C ALA C 60 -38.41 -0.81 -0.04
N ASP C 61 -38.58 -0.20 -1.22
CA ASP C 61 -38.39 1.24 -1.35
C ASP C 61 -39.35 2.02 -0.45
N SER C 62 -40.55 1.50 -0.22
CA SER C 62 -41.55 2.23 0.57
C SER C 62 -41.15 2.38 2.02
N VAL C 63 -40.28 1.50 2.53
CA VAL C 63 -39.89 1.52 3.93
C VAL C 63 -38.43 1.90 4.16
N LYS C 64 -37.64 1.98 3.10
CA LYS C 64 -36.21 2.21 3.27
C LYS C 64 -35.96 3.50 4.02
N GLY C 65 -35.08 3.46 5.02
CA GLY C 65 -34.80 4.60 5.87
C GLY C 65 -35.65 4.67 7.12
N ARG C 66 -36.84 4.06 7.13
CA ARG C 66 -37.71 4.06 8.30
C ARG C 66 -37.74 2.74 9.04
N PHE C 67 -37.59 1.62 8.33
CA PHE C 67 -37.65 0.30 8.93
C PHE C 67 -36.25 -0.29 9.05
N THR C 68 -36.00 -1.05 10.11
CA THR C 68 -34.73 -1.73 10.30
C THR C 68 -35.00 -3.19 10.68
N ILE C 69 -34.43 -4.13 9.92
CA ILE C 69 -34.53 -5.54 10.25
C ILE C 69 -33.29 -5.92 11.04
N SER C 70 -33.46 -6.75 12.07
CA SER C 70 -32.32 -7.18 12.88
C SER C 70 -32.68 -8.49 13.55
N ARG C 71 -31.72 -9.05 14.30
CA ARG C 71 -31.99 -10.30 14.99
C ARG C 71 -31.13 -10.39 16.24
N ASP C 72 -31.59 -11.23 17.17
CA ASP C 72 -30.96 -11.43 18.48
C ASP C 72 -30.63 -12.92 18.58
N SER C 73 -29.36 -13.28 18.37
CA SER C 73 -29.02 -14.71 18.37
C SER C 73 -29.23 -15.32 19.75
N SER C 74 -28.98 -14.54 20.81
CA SER C 74 -29.19 -15.02 22.17
C SER C 74 -30.64 -15.42 22.42
N LYS C 75 -31.61 -14.85 21.69
CA LYS C 75 -33.02 -15.15 21.87
C LYS C 75 -33.67 -15.87 20.69
N ASN C 76 -32.91 -16.17 19.64
CA ASN C 76 -33.46 -16.78 18.43
C ASN C 76 -34.71 -16.02 17.94
N THR C 77 -34.54 -14.72 17.79
CA THR C 77 -35.64 -13.81 17.51
C THR C 77 -35.24 -12.85 16.41
N LEU C 78 -36.16 -12.62 15.48
CA LEU C 78 -36.05 -11.63 14.41
C LEU C 78 -36.91 -10.42 14.76
N TYR C 79 -36.41 -9.22 14.45
CA TYR C 79 -37.12 -7.99 14.76
C TYR C 79 -37.37 -7.16 13.51
N LEU C 80 -38.41 -6.34 13.55
CA LEU C 80 -38.62 -5.26 12.58
C LEU C 80 -38.87 -3.99 13.38
N GLN C 81 -37.88 -3.10 13.41
CA GLN C 81 -38.07 -1.79 14.01
C GLN C 81 -38.71 -0.87 12.98
N MET C 82 -39.92 -0.40 13.27
CA MET C 82 -40.66 0.45 12.33
C MET C 82 -40.73 1.86 12.91
N ASN C 83 -40.03 2.80 12.29
CA ASN C 83 -40.03 4.20 12.72
C ASN C 83 -40.77 5.05 11.70
N SER C 84 -41.17 6.25 12.13
CA SER C 84 -41.87 7.21 11.27
C SER C 84 -43.07 6.59 10.59
N LEU C 85 -43.90 5.91 11.38
CA LEU C 85 -44.98 5.13 10.82
C LEU C 85 -46.01 6.02 10.11
N ARG C 86 -46.38 5.63 8.90
CA ARG C 86 -47.40 6.31 8.13
C ARG C 86 -48.68 5.47 8.11
N ALA C 87 -49.76 6.14 7.68
CA ALA C 87 -51.03 5.46 7.50
C ALA C 87 -50.91 4.33 6.50
N GLU C 88 -50.09 4.48 5.46
CA GLU C 88 -49.92 3.42 4.48
C GLU C 88 -49.20 2.19 5.04
N ASP C 89 -48.65 2.24 6.25
CA ASP C 89 -48.00 1.06 6.80
C ASP C 89 -49.00 0.13 7.48
N THR C 90 -50.25 0.57 7.60
CA THR C 90 -51.30 -0.25 8.20
C THR C 90 -51.44 -1.56 7.44
N ALA C 91 -51.19 -2.67 8.11
CA ALA C 91 -51.19 -3.97 7.45
C ALA C 91 -51.06 -5.05 8.51
N VAL C 92 -51.35 -6.28 8.09
CA VAL C 92 -50.93 -7.46 8.85
C VAL C 92 -49.51 -7.81 8.43
N TYR C 93 -48.61 -7.94 9.39
CA TYR C 93 -47.21 -8.21 9.12
C TYR C 93 -46.90 -9.68 9.42
N TYR C 94 -46.19 -10.32 8.48
CA TYR C 94 -45.79 -11.72 8.59
C TYR C 94 -44.27 -11.80 8.62
N CYS C 95 -43.71 -12.50 9.61
CA CYS C 95 -42.34 -12.92 9.43
C CYS C 95 -42.36 -14.22 8.63
N ALA C 96 -41.30 -14.43 7.86
CA ALA C 96 -41.27 -15.49 6.86
C ALA C 96 -39.85 -16.01 6.71
N LYS C 97 -39.73 -17.32 6.49
CA LYS C 97 -38.44 -17.94 6.25
C LYS C 97 -38.22 -18.03 4.74
N ASP C 98 -37.12 -17.43 4.25
CA ASP C 98 -36.82 -17.43 2.83
C ASP C 98 -36.34 -18.79 2.33
N VAL C 99 -36.65 -19.07 1.07
CA VAL C 99 -35.85 -19.99 0.25
C VAL C 99 -35.03 -19.11 -0.68
N PRO C 100 -33.71 -19.06 -0.52
CA PRO C 100 -32.88 -18.03 -1.17
C PRO C 100 -32.46 -18.39 -2.60
N LEU C 101 -33.46 -18.51 -3.48
CA LEU C 101 -33.25 -18.70 -4.90
C LEU C 101 -33.86 -17.50 -5.61
N GLY C 102 -33.15 -16.99 -6.62
CA GLY C 102 -33.61 -15.79 -7.32
C GLY C 102 -33.79 -14.65 -6.34
N SER C 103 -34.99 -14.07 -6.31
CA SER C 103 -35.34 -13.02 -5.37
C SER C 103 -36.11 -13.55 -4.17
N HIS C 104 -36.17 -14.89 -4.01
CA HIS C 104 -36.67 -15.64 -2.85
C HIS C 104 -38.18 -15.85 -2.86
N TYR C 105 -38.61 -16.99 -2.34
CA TYR C 105 -40.00 -17.27 -1.97
C TYR C 105 -39.95 -17.76 -0.53
N PHE C 106 -41.10 -18.13 0.04
CA PHE C 106 -41.16 -18.37 1.48
C PHE C 106 -41.88 -19.68 1.77
N ASP C 107 -41.18 -20.61 2.40
CA ASP C 107 -41.80 -21.90 2.71
C ASP C 107 -42.37 -21.96 4.12
N TYR C 108 -42.04 -21.00 4.99
CA TYR C 108 -42.66 -20.94 6.32
C TYR C 108 -43.05 -19.51 6.63
N TRP C 109 -44.22 -19.36 7.25
CA TRP C 109 -44.81 -18.06 7.57
C TRP C 109 -45.25 -18.04 9.04
N GLY C 110 -45.11 -16.86 9.65
CA GLY C 110 -45.62 -16.62 10.99
C GLY C 110 -47.13 -16.54 10.99
N GLN C 111 -47.69 -16.19 12.16
CA GLN C 111 -49.16 -16.09 12.27
C GLN C 111 -49.70 -14.78 11.73
N GLY C 112 -48.91 -13.70 11.76
CA GLY C 112 -49.38 -12.43 11.29
C GLY C 112 -49.87 -11.53 12.40
N THR C 113 -49.37 -10.31 12.44
CA THR C 113 -49.70 -9.38 13.50
C THR C 113 -50.15 -8.07 12.86
N LEU C 114 -51.24 -7.51 13.37
CA LEU C 114 -51.86 -6.33 12.78
C LEU C 114 -51.24 -5.08 13.36
N VAL C 115 -50.76 -4.21 12.48
CA VAL C 115 -50.31 -2.87 12.84
C VAL C 115 -51.29 -1.89 12.23
N THR C 116 -51.91 -1.04 13.03
CA THR C 116 -52.78 0.00 12.51
C THR C 116 -52.20 1.35 12.90
N VAL C 117 -52.03 2.23 11.91
CA VAL C 117 -51.48 3.56 12.12
C VAL C 117 -52.63 4.56 11.89
N SER C 118 -53.07 5.21 12.95
CA SER C 118 -54.23 6.10 12.86
C SER C 118 -53.86 7.40 12.16
N SER C 119 -54.88 8.17 11.79
CA SER C 119 -54.63 9.41 11.07
C SER C 119 -55.06 10.64 11.85
N GLY C 138 -40.00 -0.34 -12.04
CA GLY C 138 -39.44 -1.26 -13.02
C GLY C 138 -39.36 -2.69 -12.54
N GLU C 139 -40.53 -3.28 -12.28
CA GLU C 139 -40.63 -4.56 -11.59
C GLU C 139 -41.64 -5.44 -12.33
N ILE C 140 -41.64 -6.73 -12.01
CA ILE C 140 -42.50 -7.65 -12.76
C ILE C 140 -43.91 -7.59 -12.19
N VAL C 141 -44.87 -7.30 -13.07
CA VAL C 141 -46.28 -7.26 -12.71
C VAL C 141 -46.91 -8.63 -12.97
N LEU C 142 -47.49 -9.21 -11.93
CA LEU C 142 -48.27 -10.44 -12.05
C LEU C 142 -49.76 -10.10 -12.02
N THR C 143 -50.47 -10.50 -13.07
CA THR C 143 -51.90 -10.24 -13.19
C THR C 143 -52.66 -11.56 -13.04
N GLN C 144 -53.50 -11.64 -12.01
CA GLN C 144 -54.36 -12.80 -11.78
C GLN C 144 -55.79 -12.48 -12.19
N SER C 145 -56.35 -13.33 -13.04
CA SER C 145 -57.73 -13.22 -13.45
C SER C 145 -58.37 -14.60 -13.40
N PRO C 146 -59.67 -14.69 -13.08
CA PRO C 146 -60.44 -13.53 -12.60
C PRO C 146 -60.19 -13.26 -11.11
N GLY C 147 -60.85 -12.23 -10.58
CA GLY C 147 -60.63 -11.87 -9.18
C GLY C 147 -61.30 -12.86 -8.24
N THR C 148 -62.49 -13.34 -8.60
CA THR C 148 -63.30 -14.23 -7.78
C THR C 148 -63.88 -15.35 -8.64
N LEU C 149 -63.97 -16.55 -8.06
CA LEU C 149 -64.59 -17.71 -8.67
C LEU C 149 -65.48 -18.40 -7.65
N SER C 150 -66.72 -18.69 -8.04
CA SER C 150 -67.65 -19.46 -7.21
C SER C 150 -67.97 -20.75 -7.96
N LEU C 151 -67.45 -21.86 -7.44
CA LEU C 151 -67.69 -23.19 -8.00
C LEU C 151 -68.28 -24.09 -6.93
N SER C 152 -69.03 -25.09 -7.37
CA SER C 152 -69.56 -26.06 -6.42
C SER C 152 -68.50 -27.13 -6.13
N PRO C 153 -68.62 -27.83 -5.00
CA PRO C 153 -67.56 -28.77 -4.62
C PRO C 153 -67.46 -29.93 -5.60
N GLY C 154 -66.23 -30.46 -5.75
CA GLY C 154 -65.96 -31.53 -6.67
C GLY C 154 -65.56 -31.09 -8.06
N GLU C 155 -65.78 -29.82 -8.43
CA GLU C 155 -65.37 -29.35 -9.74
C GLU C 155 -63.87 -29.08 -9.78
N ARG C 156 -63.36 -28.95 -11.00
CA ARG C 156 -61.99 -28.55 -11.25
C ARG C 156 -61.96 -27.04 -11.47
N VAL C 157 -60.94 -26.37 -10.93
CA VAL C 157 -60.78 -24.92 -11.12
C VAL C 157 -59.38 -24.63 -11.66
N THR C 158 -59.32 -23.68 -12.59
CA THR C 158 -58.07 -23.30 -13.23
C THR C 158 -57.83 -21.81 -12.98
N LEU C 159 -56.76 -21.51 -12.24
CA LEU C 159 -56.36 -20.15 -11.92
C LEU C 159 -55.21 -19.72 -12.82
N SER C 160 -55.29 -18.50 -13.32
CA SER C 160 -54.31 -17.95 -14.25
C SER C 160 -53.47 -16.88 -13.56
N CYS C 161 -52.16 -16.93 -13.80
CA CYS C 161 -51.22 -15.89 -13.41
C CYS C 161 -50.40 -15.53 -14.64
N ARG C 162 -50.54 -14.27 -15.11
CA ARG C 162 -49.80 -13.77 -16.27
C ARG C 162 -48.78 -12.74 -15.80
N ALA C 163 -47.53 -12.92 -16.24
CA ALA C 163 -46.43 -12.03 -15.88
C ALA C 163 -46.20 -11.00 -16.98
N SER C 164 -45.82 -9.78 -16.57
CA SER C 164 -45.51 -8.72 -17.52
C SER C 164 -44.22 -8.99 -18.28
N GLN C 165 -43.43 -9.92 -17.79
CA GLN C 165 -42.07 -10.20 -18.25
C GLN C 165 -41.86 -11.70 -18.16
N SER C 166 -41.03 -12.24 -19.05
CA SER C 166 -40.80 -13.68 -19.05
C SER C 166 -40.10 -14.10 -17.76
N VAL C 167 -40.66 -15.11 -17.09
CA VAL C 167 -40.08 -15.72 -15.89
C VAL C 167 -39.29 -16.93 -16.40
N SER C 168 -38.03 -16.69 -16.80
CA SER C 168 -37.43 -17.59 -17.79
C SER C 168 -37.07 -18.97 -17.23
N ILE C 169 -36.85 -19.13 -15.91
CA ILE C 169 -36.56 -20.48 -15.46
C ILE C 169 -37.58 -20.93 -14.40
N ASN C 170 -38.82 -20.48 -14.57
CA ASN C 170 -39.99 -20.98 -13.84
C ASN C 170 -39.92 -20.66 -12.36
N TYR C 171 -39.33 -19.51 -12.02
CA TYR C 171 -39.30 -19.04 -10.63
C TYR C 171 -40.66 -18.40 -10.30
N LEU C 172 -41.67 -19.26 -10.16
CA LEU C 172 -43.05 -18.82 -9.94
C LEU C 172 -43.62 -19.69 -8.83
N ALA C 173 -44.09 -19.06 -7.76
CA ALA C 173 -44.63 -19.79 -6.63
C ALA C 173 -46.11 -19.51 -6.48
N TRP C 174 -46.83 -20.45 -5.85
CA TRP C 174 -48.23 -20.28 -5.51
C TRP C 174 -48.43 -20.44 -4.01
N TYR C 175 -49.31 -19.63 -3.45
CA TYR C 175 -49.67 -19.69 -2.05
C TYR C 175 -51.19 -19.78 -1.90
N GLN C 176 -51.61 -20.44 -0.82
CA GLN C 176 -53.00 -20.51 -0.42
C GLN C 176 -53.15 -19.72 0.87
N GLN C 177 -54.08 -18.76 0.90
CA GLN C 177 -54.37 -18.05 2.14
C GLN C 177 -55.81 -18.26 2.53
N LYS C 178 -56.02 -19.03 3.57
CA LYS C 178 -57.36 -19.24 4.08
C LYS C 178 -57.77 -18.04 4.93
N PRO C 179 -59.08 -17.78 5.05
CA PRO C 179 -59.53 -16.58 5.80
C PRO C 179 -59.03 -16.58 7.24
N GLY C 180 -58.37 -15.48 7.61
CA GLY C 180 -57.91 -15.33 8.96
C GLY C 180 -56.56 -15.95 9.26
N GLN C 181 -55.91 -16.54 8.25
CA GLN C 181 -54.67 -17.29 8.39
C GLN C 181 -53.57 -16.69 7.52
N ALA C 182 -52.35 -17.15 7.77
CA ALA C 182 -51.21 -16.76 6.96
C ALA C 182 -51.24 -17.46 5.62
N PRO C 183 -50.56 -16.90 4.61
CA PRO C 183 -50.37 -17.67 3.36
C PRO C 183 -49.61 -18.95 3.64
N ARG C 184 -49.80 -19.94 2.78
CA ARG C 184 -49.12 -21.21 2.88
C ARG C 184 -48.60 -21.58 1.50
N LEU C 185 -47.34 -21.96 1.42
CA LEU C 185 -46.76 -22.33 0.14
C LEU C 185 -47.43 -23.59 -0.40
N LEU C 186 -47.90 -23.52 -1.63
CA LEU C 186 -48.41 -24.69 -2.33
C LEU C 186 -47.42 -25.22 -3.35
N ILE C 187 -46.87 -24.35 -4.19
CA ILE C 187 -46.13 -24.71 -5.38
C ILE C 187 -44.90 -23.82 -5.49
N TYR C 188 -43.78 -24.40 -5.88
CA TYR C 188 -42.62 -23.60 -6.26
C TYR C 188 -42.07 -24.13 -7.57
N GLY C 189 -41.19 -23.35 -8.20
CA GLY C 189 -40.66 -23.74 -9.49
C GLY C 189 -41.73 -23.98 -10.53
N ALA C 190 -42.86 -23.27 -10.41
CA ALA C 190 -44.00 -23.34 -11.31
C ALA C 190 -44.78 -24.65 -11.22
N SER C 191 -44.12 -25.79 -10.92
CA SER C 191 -44.83 -27.07 -10.95
C SER C 191 -44.49 -28.03 -9.81
N SER C 192 -43.58 -27.69 -8.90
CA SER C 192 -43.22 -28.59 -7.82
C SER C 192 -44.10 -28.29 -6.60
N ARG C 193 -44.75 -29.33 -6.07
CA ARG C 193 -45.56 -29.19 -4.87
C ARG C 193 -44.70 -29.10 -3.63
N ALA C 194 -45.10 -28.23 -2.71
CA ALA C 194 -44.43 -28.11 -1.42
C ALA C 194 -44.78 -29.30 -0.54
N THR C 195 -43.97 -29.52 0.50
CA THR C 195 -44.16 -30.72 1.31
C THR C 195 -45.47 -30.63 2.09
N GLY C 196 -46.22 -31.73 2.07
CA GLY C 196 -47.49 -31.81 2.74
C GLY C 196 -48.66 -31.29 1.94
N ILE C 197 -48.46 -30.94 0.67
CA ILE C 197 -49.52 -30.39 -0.17
C ILE C 197 -50.16 -31.52 -0.96
N SER C 198 -51.48 -31.58 -0.94
CA SER C 198 -52.22 -32.63 -1.63
C SER C 198 -51.94 -32.58 -3.13
N ASP C 199 -52.07 -33.74 -3.78
CA ASP C 199 -51.87 -33.82 -5.22
C ASP C 199 -53.07 -33.35 -6.03
N ARG C 200 -54.13 -32.82 -5.39
CA ARG C 200 -55.16 -32.11 -6.12
C ARG C 200 -54.65 -30.78 -6.67
N PHE C 201 -53.57 -30.25 -6.11
CA PHE C 201 -52.99 -28.99 -6.54
C PHE C 201 -51.88 -29.26 -7.55
N SER C 202 -51.88 -28.48 -8.63
CA SER C 202 -51.06 -28.78 -9.79
C SER C 202 -50.67 -27.45 -10.44
N GLY C 203 -49.39 -27.11 -10.40
CA GLY C 203 -48.90 -25.94 -11.09
C GLY C 203 -48.40 -26.27 -12.48
N SER C 204 -48.50 -25.29 -13.38
CA SER C 204 -48.12 -25.52 -14.76
C SER C 204 -47.79 -24.18 -15.41
N GLY C 205 -47.24 -24.26 -16.62
CA GLY C 205 -46.98 -23.08 -17.42
C GLY C 205 -45.50 -22.73 -17.48
N SER C 206 -45.22 -21.64 -18.19
CA SER C 206 -43.87 -21.20 -18.50
C SER C 206 -43.93 -19.83 -19.17
N GLY C 207 -42.79 -19.15 -19.19
CA GLY C 207 -42.69 -17.88 -19.88
C GLY C 207 -43.44 -16.76 -19.18
N THR C 208 -44.58 -16.35 -19.72
CA THR C 208 -45.42 -15.35 -19.07
C THR C 208 -46.78 -15.90 -18.65
N ASP C 209 -47.02 -17.19 -18.84
CA ASP C 209 -48.35 -17.78 -18.70
C ASP C 209 -48.29 -18.96 -17.75
N PHE C 210 -48.84 -18.80 -16.54
CA PHE C 210 -48.78 -19.83 -15.51
C PHE C 210 -50.16 -20.16 -14.99
N THR C 211 -50.30 -21.40 -14.54
CA THR C 211 -51.60 -21.94 -14.16
C THR C 211 -51.48 -22.75 -12.89
N LEU C 212 -52.45 -22.56 -11.99
CA LEU C 212 -52.67 -23.45 -10.85
C LEU C 212 -54.01 -24.14 -11.04
N THR C 213 -54.01 -25.47 -11.02
CA THR C 213 -55.24 -26.25 -11.15
C THR C 213 -55.54 -26.93 -9.82
N ILE C 214 -56.81 -26.91 -9.44
CA ILE C 214 -57.30 -27.63 -8.28
C ILE C 214 -58.40 -28.54 -8.79
N SER C 215 -58.18 -29.85 -8.73
CA SER C 215 -59.18 -30.83 -9.09
C SER C 215 -59.90 -31.32 -7.84
N ARG C 216 -61.15 -31.73 -8.02
CA ARG C 216 -62.01 -32.16 -6.91
C ARG C 216 -61.98 -31.11 -5.79
N LEU C 217 -62.43 -29.91 -6.15
CA LEU C 217 -62.61 -28.83 -5.19
C LEU C 217 -63.33 -29.31 -3.94
N GLU C 218 -62.85 -28.85 -2.79
CA GLU C 218 -63.36 -29.26 -1.49
C GLU C 218 -63.59 -28.02 -0.64
N PRO C 219 -64.62 -28.01 0.21
CA PRO C 219 -64.96 -26.78 0.96
C PRO C 219 -63.79 -26.18 1.72
N GLU C 220 -62.87 -27.00 2.23
CA GLU C 220 -61.73 -26.41 2.91
C GLU C 220 -60.73 -25.78 1.97
N ASP C 221 -60.95 -25.82 0.66
CA ASP C 221 -60.13 -25.06 -0.28
C ASP C 221 -60.56 -23.61 -0.40
N PHE C 222 -61.60 -23.19 0.32
CA PHE C 222 -62.07 -21.82 0.28
C PHE C 222 -60.94 -20.91 0.76
N ALA C 223 -60.37 -20.13 -0.14
CA ALA C 223 -59.18 -19.35 0.16
C ALA C 223 -58.95 -18.36 -0.97
N VAL C 224 -57.99 -17.47 -0.75
CA VAL C 224 -57.39 -16.69 -1.83
C VAL C 224 -56.09 -17.38 -2.24
N TYR C 225 -55.86 -17.47 -3.53
CA TYR C 225 -54.63 -18.02 -4.09
C TYR C 225 -53.81 -16.90 -4.75
N TYR C 226 -52.55 -16.79 -4.35
CA TYR C 226 -51.62 -15.80 -4.89
C TYR C 226 -50.48 -16.47 -5.64
N CYS C 227 -50.12 -15.92 -6.79
CA CYS C 227 -48.84 -16.29 -7.39
C CYS C 227 -47.78 -15.30 -6.94
N GLN C 228 -46.52 -15.71 -7.08
CA GLN C 228 -45.38 -14.87 -6.72
C GLN C 228 -44.21 -15.25 -7.60
N GLN C 229 -43.60 -14.26 -8.25
CA GLN C 229 -42.38 -14.49 -9.00
C GLN C 229 -41.18 -14.21 -8.10
N TYR C 230 -40.17 -15.05 -8.23
CA TYR C 230 -38.87 -14.80 -7.63
C TYR C 230 -37.79 -14.79 -8.71
N ASP C 231 -38.17 -14.41 -9.93
CA ASP C 231 -37.22 -14.18 -11.00
C ASP C 231 -36.38 -12.92 -10.72
N SER C 232 -37.02 -11.78 -10.46
CA SER C 232 -36.32 -10.51 -10.35
C SER C 232 -36.62 -9.83 -9.01
N SER C 233 -35.70 -8.93 -8.61
CA SER C 233 -35.95 -8.09 -7.45
C SER C 233 -36.58 -6.76 -7.90
N PRO C 234 -37.54 -6.22 -7.13
CA PRO C 234 -38.10 -6.88 -5.94
C PRO C 234 -39.03 -8.06 -6.28
N LEU C 235 -39.07 -9.07 -5.43
CA LEU C 235 -40.11 -10.08 -5.58
C LEU C 235 -41.48 -9.40 -5.53
N THR C 236 -42.43 -9.95 -6.28
CA THR C 236 -43.75 -9.33 -6.39
C THR C 236 -44.81 -10.43 -6.43
N PHE C 237 -45.95 -10.14 -5.82
CA PHE C 237 -47.10 -11.03 -5.77
C PHE C 237 -48.16 -10.61 -6.78
N GLY C 238 -48.97 -11.59 -7.21
CA GLY C 238 -50.21 -11.28 -7.87
C GLY C 238 -51.25 -10.71 -6.90
N GLY C 239 -52.33 -10.18 -7.47
CA GLY C 239 -53.40 -9.61 -6.67
C GLY C 239 -54.27 -10.64 -5.99
N GLY C 240 -54.20 -11.88 -6.41
CA GLY C 240 -54.94 -12.93 -5.75
C GLY C 240 -56.23 -13.24 -6.47
N THR C 241 -56.63 -14.52 -6.40
CA THR C 241 -57.89 -15.01 -6.94
C THR C 241 -58.61 -15.71 -5.80
N LYS C 242 -59.80 -15.24 -5.48
CA LYS C 242 -60.61 -15.83 -4.42
C LYS C 242 -61.44 -16.95 -5.00
N VAL C 243 -61.36 -18.14 -4.41
CA VAL C 243 -62.10 -19.31 -4.85
C VAL C 243 -63.18 -19.58 -3.80
N GLU C 244 -64.44 -19.52 -4.22
CA GLU C 244 -65.58 -19.64 -3.33
C GLU C 244 -66.28 -20.96 -3.62
N ILE C 245 -66.63 -21.69 -2.56
CA ILE C 245 -67.26 -23.01 -2.71
C ILE C 245 -68.65 -23.06 -2.10
N LEU D 2 5.31 -7.86 -23.17
CA LEU D 2 3.85 -7.74 -23.30
C LEU D 2 3.06 -8.53 -22.24
N CYS D 3 2.08 -7.87 -21.59
CA CYS D 3 1.34 -8.51 -20.51
C CYS D 3 0.40 -9.58 -21.06
N PRO D 4 0.25 -10.69 -20.35
CA PRO D 4 -0.57 -11.81 -20.84
C PRO D 4 -2.06 -11.61 -20.57
N PHE D 5 -2.64 -10.56 -21.16
CA PHE D 5 -4.06 -10.34 -20.96
C PHE D 5 -4.91 -11.26 -21.81
N GLY D 6 -4.40 -11.75 -22.94
CA GLY D 6 -5.14 -12.71 -23.72
C GLY D 6 -5.39 -14.00 -22.96
N GLU D 7 -4.40 -14.44 -22.19
CA GLU D 7 -4.57 -15.63 -21.37
C GLU D 7 -5.75 -15.49 -20.40
N VAL D 8 -6.02 -14.27 -19.94
CA VAL D 8 -7.12 -14.06 -19.00
C VAL D 8 -8.44 -13.89 -19.75
N PHE D 9 -8.51 -12.92 -20.67
CA PHE D 9 -9.78 -12.59 -21.30
C PHE D 9 -10.24 -13.69 -22.25
N ASN D 10 -9.30 -14.31 -22.96
CA ASN D 10 -9.60 -15.30 -23.98
C ASN D 10 -9.43 -16.74 -23.48
N ALA D 11 -9.36 -16.95 -22.17
CA ALA D 11 -9.30 -18.32 -21.65
C ALA D 11 -10.51 -19.12 -22.13
N THR D 12 -10.25 -20.36 -22.54
CA THR D 12 -11.35 -21.26 -22.91
C THR D 12 -12.31 -21.47 -21.75
N ARG D 13 -11.77 -21.89 -20.60
CA ARG D 13 -12.53 -22.13 -19.37
C ARG D 13 -12.38 -20.95 -18.41
N PHE D 14 -13.47 -20.57 -17.77
CA PHE D 14 -13.45 -19.60 -16.69
C PHE D 14 -13.79 -20.31 -15.39
N ALA D 15 -13.48 -19.65 -14.26
CA ALA D 15 -13.64 -20.25 -12.94
C ALA D 15 -15.04 -20.00 -12.39
N SER D 16 -15.50 -20.91 -11.53
CA SER D 16 -16.68 -20.63 -10.71
C SER D 16 -16.37 -19.45 -9.80
N VAL D 17 -17.37 -18.58 -9.59
CA VAL D 17 -17.15 -17.36 -8.83
C VAL D 17 -16.73 -17.66 -7.39
N TYR D 18 -17.19 -18.79 -6.83
CA TYR D 18 -16.75 -19.10 -5.46
C TYR D 18 -15.27 -19.44 -5.41
N ALA D 19 -14.72 -20.02 -6.47
CA ALA D 19 -13.30 -20.36 -6.57
C ALA D 19 -12.63 -19.45 -7.59
N TRP D 20 -12.95 -18.16 -7.53
CA TRP D 20 -12.51 -17.21 -8.55
C TRP D 20 -10.99 -17.24 -8.72
N ASN D 21 -10.58 -17.02 -9.97
CA ASN D 21 -9.19 -17.12 -10.36
C ASN D 21 -8.51 -15.78 -10.18
N ARG D 22 -7.26 -15.81 -9.71
CA ARG D 22 -6.41 -14.63 -9.65
C ARG D 22 -5.13 -14.88 -10.44
N LYS D 23 -4.80 -13.96 -11.35
CA LYS D 23 -3.56 -13.97 -12.10
C LYS D 23 -2.79 -12.68 -11.82
N ARG D 24 -1.59 -12.80 -11.25
CA ARG D 24 -0.73 -11.64 -11.03
C ARG D 24 -0.07 -11.23 -12.33
N ILE D 25 -0.21 -9.96 -12.69
CA ILE D 25 0.48 -9.39 -13.84
C ILE D 25 1.77 -8.74 -13.37
N SER D 26 2.87 -8.99 -14.05
CA SER D 26 4.11 -8.33 -13.66
C SER D 26 5.12 -8.35 -14.80
N ASN D 27 6.06 -7.40 -14.74
CA ASN D 27 7.23 -7.34 -15.61
C ASN D 27 6.82 -7.34 -17.09
N CYS D 28 5.91 -6.44 -17.44
CA CYS D 28 5.37 -6.45 -18.80
C CYS D 28 4.82 -5.08 -19.14
N VAL D 29 4.56 -4.89 -20.43
CA VAL D 29 3.94 -3.67 -20.95
C VAL D 29 2.53 -4.02 -21.41
N ALA D 30 1.56 -3.15 -21.08
CA ALA D 30 0.17 -3.37 -21.41
C ALA D 30 -0.39 -2.12 -22.06
N ASP D 31 -1.25 -2.29 -23.06
CA ASP D 31 -1.96 -1.17 -23.68
C ASP D 31 -3.44 -1.29 -23.31
N TYR D 32 -3.86 -0.48 -22.35
CA TYR D 32 -5.21 -0.60 -21.82
C TYR D 32 -6.23 0.03 -22.76
N SER D 33 -5.86 1.07 -23.51
CA SER D 33 -6.73 1.54 -24.57
C SER D 33 -6.99 0.42 -25.58
N VAL D 34 -5.96 -0.37 -25.91
CA VAL D 34 -6.16 -1.50 -26.82
C VAL D 34 -7.08 -2.53 -26.20
N LEU D 35 -6.92 -2.79 -24.90
CA LEU D 35 -7.80 -3.72 -24.22
C LEU D 35 -9.25 -3.25 -24.30
N TYR D 36 -9.49 -1.97 -24.03
CA TYR D 36 -10.85 -1.43 -24.05
C TYR D 36 -11.54 -1.69 -25.38
N ASN D 37 -10.82 -1.48 -26.49
CA ASN D 37 -11.35 -1.64 -27.84
C ASN D 37 -11.18 -3.05 -28.41
N SER D 38 -10.57 -3.98 -27.66
CA SER D 38 -10.26 -5.30 -28.20
C SER D 38 -11.48 -6.18 -28.38
N ALA D 39 -12.58 -5.88 -27.68
CA ALA D 39 -13.81 -6.65 -27.79
C ALA D 39 -14.98 -5.73 -27.48
N SER D 40 -16.18 -6.28 -27.50
CA SER D 40 -17.37 -5.55 -27.09
C SER D 40 -17.75 -6.06 -25.70
N PHE D 41 -17.48 -5.22 -24.70
CA PHE D 41 -17.82 -5.51 -23.33
C PHE D 41 -19.10 -4.77 -22.98
N SER D 42 -20.02 -5.46 -22.30
CA SER D 42 -21.24 -4.79 -21.88
C SER D 42 -21.05 -4.02 -20.57
N THR D 43 -20.02 -4.36 -19.80
CA THR D 43 -19.60 -3.57 -18.64
C THR D 43 -18.11 -3.31 -18.75
N PHE D 44 -17.72 -2.06 -18.58
CA PHE D 44 -16.31 -1.71 -18.55
C PHE D 44 -16.26 -0.41 -17.74
N LYS D 45 -16.16 -0.56 -16.43
CA LYS D 45 -16.28 0.55 -15.51
C LYS D 45 -15.03 0.59 -14.64
N CYS D 46 -14.41 1.76 -14.57
CA CYS D 46 -13.17 1.92 -13.81
C CYS D 46 -13.39 2.86 -12.63
N TYR D 47 -12.62 2.64 -11.58
CA TYR D 47 -12.73 3.37 -10.32
C TYR D 47 -11.35 3.90 -9.96
N GLY D 48 -11.20 5.23 -9.93
CA GLY D 48 -9.95 5.85 -9.57
C GLY D 48 -8.90 5.87 -10.66
N VAL D 49 -9.14 5.19 -11.78
CA VAL D 49 -8.26 5.23 -12.95
C VAL D 49 -9.13 5.20 -14.19
N SER D 50 -8.50 5.37 -15.34
CA SER D 50 -9.18 5.20 -16.62
C SER D 50 -8.21 4.53 -17.58
N PRO D 51 -8.72 3.86 -18.61
CA PRO D 51 -7.81 3.17 -19.54
C PRO D 51 -6.80 4.10 -20.17
N THR D 52 -7.23 5.32 -20.53
CA THR D 52 -6.29 6.31 -21.05
C THR D 52 -5.18 6.59 -20.06
N LYS D 53 -5.54 6.88 -18.81
CA LYS D 53 -4.54 7.27 -17.83
C LYS D 53 -3.70 6.09 -17.37
N LEU D 54 -4.16 4.87 -17.61
CA LEU D 54 -3.44 3.68 -17.18
C LEU D 54 -2.20 3.45 -18.02
N ASN D 55 -2.18 3.92 -19.26
CA ASN D 55 -1.02 3.79 -20.13
C ASN D 55 0.12 4.72 -19.72
N ASP D 56 -0.10 5.63 -18.77
CA ASP D 56 0.86 6.65 -18.41
C ASP D 56 1.66 6.31 -17.16
N LEU D 57 1.38 5.20 -16.50
CA LEU D 57 2.06 4.88 -15.25
C LEU D 57 2.49 3.42 -15.24
N CYS D 58 3.44 3.13 -14.36
CA CYS D 58 3.74 1.77 -13.95
C CYS D 58 3.07 1.50 -12.60
N PHE D 59 2.61 0.26 -12.40
CA PHE D 59 1.98 -0.12 -11.15
C PHE D 59 2.71 -1.29 -10.52
N THR D 60 2.54 -1.40 -9.19
CA THR D 60 3.24 -2.39 -8.39
C THR D 60 2.50 -3.73 -8.35
N ASN D 61 1.25 -3.73 -7.93
CA ASN D 61 0.42 -4.93 -7.86
C ASN D 61 -0.68 -4.79 -8.89
N VAL D 62 -0.62 -5.62 -9.93
CA VAL D 62 -1.70 -5.71 -10.89
C VAL D 62 -2.20 -7.15 -10.88
N TYR D 63 -3.46 -7.34 -10.52
CA TYR D 63 -4.10 -8.64 -10.53
C TYR D 63 -5.25 -8.62 -11.51
N ALA D 64 -5.40 -9.73 -12.22
CA ALA D 64 -6.55 -9.98 -13.08
C ALA D 64 -7.32 -11.10 -12.42
N ASP D 65 -8.43 -10.74 -11.78
CA ASP D 65 -9.37 -11.73 -11.24
C ASP D 65 -10.45 -12.03 -12.27
N SER D 66 -10.83 -13.30 -12.39
CA SER D 66 -11.83 -13.66 -13.37
C SER D 66 -12.72 -14.78 -12.86
N PHE D 67 -13.97 -14.76 -13.29
CA PHE D 67 -14.98 -15.74 -12.89
C PHE D 67 -16.22 -15.56 -13.74
N VAL D 68 -17.18 -16.48 -13.55
CA VAL D 68 -18.49 -16.42 -14.19
C VAL D 68 -19.57 -16.21 -13.12
N ILE D 69 -20.50 -15.32 -13.42
CA ILE D 69 -21.71 -15.12 -12.65
C ILE D 69 -22.87 -14.98 -13.64
N ARG D 70 -24.07 -14.73 -13.13
CA ARG D 70 -25.20 -14.52 -14.02
C ARG D 70 -25.49 -13.04 -14.18
N GLY D 71 -26.22 -12.70 -15.24
CA GLY D 71 -26.33 -11.31 -15.66
C GLY D 71 -26.88 -10.38 -14.60
N ASP D 72 -27.90 -10.82 -13.86
CA ASP D 72 -28.46 -9.96 -12.81
C ASP D 72 -27.46 -9.68 -11.68
N GLU D 73 -26.34 -10.40 -11.61
CA GLU D 73 -25.41 -10.25 -10.50
C GLU D 73 -24.24 -9.34 -10.83
N VAL D 74 -24.11 -8.92 -12.09
CA VAL D 74 -22.93 -8.14 -12.49
C VAL D 74 -22.87 -6.83 -11.72
N ARG D 75 -24.04 -6.24 -11.41
CA ARG D 75 -24.06 -5.02 -10.60
C ARG D 75 -23.45 -5.23 -9.22
N GLN D 76 -23.25 -6.46 -8.77
CA GLN D 76 -22.63 -6.66 -7.47
C GLN D 76 -21.11 -6.57 -7.52
N ILE D 77 -20.52 -6.64 -8.71
CA ILE D 77 -19.07 -6.51 -8.83
C ILE D 77 -18.77 -5.02 -8.95
N ALA D 78 -18.89 -4.32 -7.83
CA ALA D 78 -18.79 -2.87 -7.75
C ALA D 78 -18.57 -2.50 -6.30
N PRO D 79 -17.86 -1.41 -6.02
CA PRO D 79 -17.61 -1.01 -4.63
C PRO D 79 -18.90 -0.72 -3.88
N GLY D 80 -18.98 -1.18 -2.63
CA GLY D 80 -20.11 -0.88 -1.78
C GLY D 80 -21.38 -1.69 -2.02
N GLN D 81 -21.31 -2.79 -2.75
CA GLN D 81 -22.50 -3.56 -3.07
C GLN D 81 -22.68 -4.72 -2.09
N THR D 82 -23.93 -5.18 -1.98
CA THR D 82 -24.27 -6.33 -1.15
C THR D 82 -25.12 -7.30 -1.97
N GLY D 83 -25.28 -8.50 -1.44
CA GLY D 83 -25.88 -9.61 -2.15
C GLY D 83 -25.03 -10.85 -2.06
N LYS D 84 -25.56 -11.94 -2.61
CA LYS D 84 -24.90 -13.23 -2.45
C LYS D 84 -23.50 -13.20 -3.04
N ILE D 85 -23.31 -12.56 -4.18
CA ILE D 85 -22.01 -12.58 -4.82
C ILE D 85 -21.01 -11.72 -4.07
N ALA D 86 -21.36 -10.47 -3.80
CA ALA D 86 -20.46 -9.61 -3.05
C ALA D 86 -20.24 -10.12 -1.63
N ASP D 87 -21.25 -10.73 -1.01
CA ASP D 87 -21.14 -11.10 0.41
C ASP D 87 -20.37 -12.41 0.58
N TYR D 88 -20.60 -13.39 -0.30
CA TYR D 88 -20.13 -14.74 -0.06
C TYR D 88 -19.20 -15.28 -1.13
N ASN D 89 -18.95 -14.53 -2.21
CA ASN D 89 -18.18 -15.08 -3.32
C ASN D 89 -17.00 -14.21 -3.74
N TYR D 90 -17.28 -12.99 -4.20
CA TYR D 90 -16.24 -12.05 -4.63
C TYR D 90 -16.58 -10.65 -4.12
N LYS D 91 -15.66 -10.03 -3.39
CA LYS D 91 -15.94 -8.78 -2.69
C LYS D 91 -14.91 -7.73 -3.08
N LEU D 92 -15.38 -6.64 -3.68
CA LEU D 92 -14.52 -5.52 -3.98
C LEU D 92 -14.41 -4.62 -2.75
N PRO D 93 -13.25 -3.97 -2.54
CA PRO D 93 -13.14 -3.01 -1.44
C PRO D 93 -14.02 -1.79 -1.67
N ASP D 94 -14.40 -1.14 -0.58
CA ASP D 94 -15.21 0.07 -0.68
C ASP D 94 -14.50 1.15 -1.49
N ASP D 95 -13.18 1.21 -1.43
CA ASP D 95 -12.44 2.21 -2.18
C ASP D 95 -11.54 1.58 -3.24
N PHE D 96 -12.10 0.64 -3.98
CA PHE D 96 -11.39 -0.10 -5.02
C PHE D 96 -10.74 0.83 -6.05
N THR D 97 -9.52 0.48 -6.47
CA THR D 97 -8.83 1.13 -7.59
C THR D 97 -8.66 0.12 -8.72
N GLY D 98 -9.36 0.32 -9.83
CA GLY D 98 -9.22 -0.58 -10.95
C GLY D 98 -10.47 -0.58 -11.80
N CYS D 99 -10.59 -1.62 -12.64
CA CYS D 99 -11.64 -1.72 -13.64
C CYS D 99 -12.37 -3.04 -13.51
N VAL D 100 -13.67 -3.01 -13.74
CA VAL D 100 -14.52 -4.20 -13.81
C VAL D 100 -14.98 -4.35 -15.24
N ILE D 101 -14.71 -5.51 -15.82
CA ILE D 101 -15.00 -5.78 -17.22
C ILE D 101 -15.87 -7.03 -17.28
N ALA D 102 -16.95 -6.96 -18.07
CA ALA D 102 -17.85 -8.10 -18.16
C ALA D 102 -18.42 -8.17 -19.57
N TRP D 103 -18.80 -9.39 -19.95
CA TRP D 103 -19.48 -9.58 -21.22
C TRP D 103 -20.37 -10.82 -21.12
N ASN D 104 -21.40 -10.85 -21.95
CA ASN D 104 -22.31 -11.98 -22.03
C ASN D 104 -21.61 -13.16 -22.69
N SER D 105 -21.58 -14.31 -22.00
CA SER D 105 -20.92 -15.49 -22.50
C SER D 105 -21.91 -16.63 -22.78
N ASN D 106 -23.17 -16.27 -23.07
CA ASN D 106 -24.19 -17.27 -23.32
C ASN D 106 -23.75 -18.30 -24.38
N ASN D 107 -23.03 -17.84 -25.42
CA ASN D 107 -22.62 -18.72 -26.51
C ASN D 107 -21.52 -19.70 -26.09
N LEU D 108 -20.77 -19.42 -25.04
CA LEU D 108 -19.72 -20.31 -24.54
C LEU D 108 -20.15 -21.13 -23.34
N ASP D 109 -20.86 -20.51 -22.40
CA ASP D 109 -21.07 -21.09 -21.09
C ASP D 109 -22.46 -21.67 -20.86
N SER D 110 -23.37 -21.58 -21.82
CA SER D 110 -24.67 -22.20 -21.65
C SER D 110 -24.71 -23.49 -22.45
N LYS D 111 -25.54 -24.43 -22.01
CA LYS D 111 -25.66 -25.70 -22.69
C LYS D 111 -27.13 -26.09 -22.76
N VAL D 112 -27.51 -26.67 -23.90
CA VAL D 112 -28.83 -27.29 -24.00
C VAL D 112 -28.88 -28.40 -22.97
N GLY D 113 -29.92 -28.39 -22.15
CA GLY D 113 -29.95 -29.31 -21.04
C GLY D 113 -29.32 -28.77 -19.79
N GLY D 114 -28.65 -27.64 -19.87
CA GLY D 114 -28.19 -26.94 -18.68
C GLY D 114 -26.74 -27.19 -18.36
N ASN D 115 -26.02 -26.10 -18.13
CA ASN D 115 -24.67 -26.15 -17.59
C ASN D 115 -24.76 -25.97 -16.09
N TYR D 116 -24.49 -27.02 -15.32
CA TYR D 116 -24.48 -26.92 -13.87
C TYR D 116 -23.07 -27.04 -13.31
N ASN D 117 -22.05 -26.70 -14.12
CA ASN D 117 -20.67 -26.72 -13.67
C ASN D 117 -20.31 -25.47 -12.86
N TYR D 118 -20.87 -24.32 -13.21
CA TYR D 118 -20.56 -23.08 -12.52
C TYR D 118 -21.36 -22.97 -11.21
N LEU D 119 -20.65 -22.73 -10.12
CA LEU D 119 -21.22 -22.71 -8.78
C LEU D 119 -20.98 -21.36 -8.12
N TYR D 120 -21.84 -21.01 -7.17
CA TYR D 120 -21.66 -19.84 -6.32
C TYR D 120 -22.07 -20.24 -4.91
N ARG D 121 -21.46 -19.60 -3.92
CA ARG D 121 -21.78 -19.91 -2.53
C ARG D 121 -23.07 -19.18 -2.14
N LEU D 122 -24.01 -19.93 -1.57
CA LEU D 122 -25.33 -19.45 -1.18
C LEU D 122 -25.48 -19.27 0.33
N PHE D 123 -24.79 -20.08 1.13
CA PHE D 123 -24.87 -20.03 2.60
C PHE D 123 -23.51 -19.70 3.20
N ARG D 124 -23.48 -18.72 4.10
CA ARG D 124 -22.25 -18.39 4.81
C ARG D 124 -22.62 -17.60 6.06
N LYS D 125 -21.88 -17.85 7.15
CA LYS D 125 -22.19 -17.25 8.44
C LYS D 125 -21.93 -15.74 8.47
N SER D 126 -20.99 -15.26 7.66
CA SER D 126 -20.55 -13.88 7.70
C SER D 126 -20.07 -13.49 6.31
N ASN D 127 -19.80 -12.21 6.12
CA ASN D 127 -19.43 -11.71 4.81
C ASN D 127 -17.92 -11.80 4.57
N LEU D 128 -17.57 -11.86 3.28
CA LEU D 128 -16.17 -11.84 2.87
C LEU D 128 -15.56 -10.45 3.08
N LYS D 129 -14.31 -10.43 3.53
CA LYS D 129 -13.50 -9.23 3.42
C LYS D 129 -13.13 -9.00 1.96
N PRO D 130 -12.75 -7.78 1.59
CA PRO D 130 -12.39 -7.51 0.18
C PRO D 130 -11.27 -8.42 -0.29
N PHE D 131 -11.45 -9.00 -1.48
CA PHE D 131 -10.49 -9.87 -2.15
C PHE D 131 -10.28 -11.20 -1.42
N GLU D 132 -11.15 -11.54 -0.48
CA GLU D 132 -11.10 -12.84 0.18
C GLU D 132 -11.74 -13.90 -0.70
N ARG D 133 -11.23 -15.13 -0.60
CA ARG D 133 -11.77 -16.28 -1.32
C ARG D 133 -12.09 -17.37 -0.32
N ASP D 134 -13.28 -17.97 -0.45
CA ASP D 134 -13.70 -19.08 0.40
C ASP D 134 -14.02 -20.27 -0.49
N ILE D 135 -13.17 -21.30 -0.42
CA ILE D 135 -13.29 -22.48 -1.26
C ILE D 135 -13.78 -23.69 -0.49
N SER D 136 -14.23 -23.51 0.75
CA SER D 136 -14.65 -24.65 1.54
C SER D 136 -15.99 -25.19 1.04
N THR D 137 -16.24 -26.47 1.32
CA THR D 137 -17.49 -27.14 0.95
C THR D 137 -18.04 -27.94 2.12
N GLU D 138 -17.71 -27.50 3.34
CA GLU D 138 -18.34 -28.06 4.52
C GLU D 138 -19.85 -27.85 4.48
N ILE D 139 -20.60 -28.85 4.96
CA ILE D 139 -22.05 -28.71 5.08
C ILE D 139 -22.38 -27.52 5.97
N TYR D 140 -23.22 -26.64 5.48
CA TYR D 140 -23.64 -25.48 6.26
C TYR D 140 -24.67 -25.91 7.31
N GLN D 141 -24.36 -25.70 8.58
CA GLN D 141 -25.25 -26.07 9.68
C GLN D 141 -26.18 -24.91 9.99
N ALA D 142 -27.43 -25.01 9.55
CA ALA D 142 -28.39 -23.92 9.74
C ALA D 142 -29.28 -24.13 10.97
N GLY D 143 -29.12 -25.23 11.69
CA GLY D 143 -29.86 -25.44 12.92
C GLY D 143 -28.94 -25.75 14.08
N SER D 144 -29.51 -26.13 15.23
CA SER D 144 -28.67 -26.40 16.39
C SER D 144 -28.08 -27.81 16.36
N THR D 145 -28.76 -28.75 15.72
CA THR D 145 -28.26 -30.11 15.58
C THR D 145 -27.12 -30.18 14.56
N PRO D 146 -25.99 -30.78 14.90
CA PRO D 146 -24.90 -30.92 13.90
C PRO D 146 -25.34 -31.77 12.71
N CYS D 147 -24.75 -31.44 11.57
CA CYS D 147 -24.94 -32.21 10.34
C CYS D 147 -23.96 -33.36 10.25
N ASN D 148 -22.67 -33.05 10.47
CA ASN D 148 -21.55 -34.00 10.36
C ASN D 148 -21.47 -34.61 8.95
N GLY D 149 -21.34 -33.73 7.96
CA GLY D 149 -21.10 -34.15 6.57
C GLY D 149 -22.30 -34.73 5.85
N VAL D 150 -23.51 -34.60 6.40
CA VAL D 150 -24.75 -35.11 5.82
C VAL D 150 -25.59 -33.92 5.33
N GLU D 151 -26.09 -34.00 4.10
CA GLU D 151 -27.16 -33.11 3.67
C GLU D 151 -28.49 -33.63 4.22
N GLY D 152 -29.46 -32.74 4.38
CA GLY D 152 -30.66 -33.08 5.13
C GLY D 152 -31.37 -31.87 5.72
N PHE D 153 -31.95 -32.04 6.91
CA PHE D 153 -32.77 -30.99 7.51
C PHE D 153 -31.88 -29.92 8.16
N ASN D 154 -32.09 -28.66 7.78
CA ASN D 154 -31.25 -27.53 8.22
C ASN D 154 -29.78 -27.74 7.86
N CYS D 155 -29.49 -28.64 6.92
CA CYS D 155 -28.14 -29.05 6.58
C CYS D 155 -27.97 -28.93 5.07
N TYR D 156 -27.17 -27.95 4.63
CA TYR D 156 -27.12 -27.58 3.22
C TYR D 156 -25.70 -27.64 2.69
N PHE D 157 -25.57 -28.23 1.50
CA PHE D 157 -24.37 -27.98 0.71
C PHE D 157 -24.25 -26.47 0.53
N PRO D 158 -23.09 -25.87 0.82
CA PRO D 158 -23.01 -24.40 0.82
C PRO D 158 -23.06 -23.76 -0.56
N LEU D 159 -22.84 -24.52 -1.63
CA LEU D 159 -22.82 -24.00 -2.99
C LEU D 159 -24.09 -24.38 -3.72
N GLN D 160 -24.40 -23.57 -4.74
CA GLN D 160 -25.52 -23.82 -5.62
C GLN D 160 -25.04 -23.65 -7.06
N SER D 161 -25.67 -24.35 -7.99
CA SER D 161 -25.35 -24.20 -9.40
C SER D 161 -26.24 -23.14 -10.08
N TYR D 162 -25.71 -22.52 -11.13
CA TYR D 162 -26.46 -21.59 -11.96
C TYR D 162 -27.35 -22.30 -12.98
N GLY D 163 -26.93 -23.43 -13.53
CA GLY D 163 -27.75 -24.02 -14.59
C GLY D 163 -28.02 -23.09 -15.75
N PHE D 164 -27.03 -22.89 -16.62
CA PHE D 164 -27.16 -21.96 -17.73
C PHE D 164 -27.69 -22.72 -18.95
N GLN D 165 -28.81 -22.25 -19.50
CA GLN D 165 -29.37 -22.74 -20.74
C GLN D 165 -29.48 -21.58 -21.71
N PRO D 166 -29.28 -21.81 -23.01
CA PRO D 166 -29.22 -20.67 -23.94
C PRO D 166 -30.54 -19.89 -24.05
N THR D 167 -31.69 -20.49 -23.74
CA THR D 167 -32.98 -19.81 -23.74
C THR D 167 -33.26 -18.99 -22.48
N ASN D 168 -32.39 -19.02 -21.47
CA ASN D 168 -32.63 -18.23 -20.27
C ASN D 168 -32.75 -16.76 -20.64
N GLY D 169 -33.55 -16.03 -19.86
CA GLY D 169 -33.50 -14.59 -19.92
C GLY D 169 -32.12 -14.06 -19.55
N VAL D 170 -31.84 -12.85 -20.02
CA VAL D 170 -30.50 -12.30 -19.89
C VAL D 170 -30.06 -12.24 -18.43
N GLY D 171 -30.98 -11.96 -17.50
CA GLY D 171 -30.61 -11.92 -16.10
C GLY D 171 -30.12 -13.26 -15.55
N TYR D 172 -30.42 -14.36 -16.26
CA TYR D 172 -29.97 -15.69 -15.90
C TYR D 172 -28.99 -16.27 -16.91
N GLN D 173 -28.56 -15.46 -17.89
CA GLN D 173 -27.50 -15.89 -18.79
C GLN D 173 -26.13 -15.67 -18.14
N PRO D 174 -25.11 -16.45 -18.54
CA PRO D 174 -23.79 -16.32 -17.92
C PRO D 174 -23.05 -15.08 -18.43
N TYR D 175 -22.31 -14.44 -17.51
CA TYR D 175 -21.40 -13.34 -17.82
C TYR D 175 -20.01 -13.69 -17.32
N ARG D 176 -19.01 -13.51 -18.18
CA ARG D 176 -17.63 -13.61 -17.76
C ARG D 176 -17.17 -12.25 -17.26
N VAL D 177 -16.40 -12.26 -16.17
CA VAL D 177 -16.01 -11.03 -15.50
C VAL D 177 -14.50 -11.06 -15.28
N VAL D 178 -13.84 -9.95 -15.61
CA VAL D 178 -12.44 -9.73 -15.28
C VAL D 178 -12.35 -8.47 -14.43
N VAL D 179 -11.67 -8.57 -13.30
CA VAL D 179 -11.43 -7.43 -12.42
C VAL D 179 -9.93 -7.13 -12.42
N LEU D 180 -9.57 -5.90 -12.79
CA LEU D 180 -8.19 -5.46 -12.80
C LEU D 180 -7.94 -4.56 -11.59
N SER D 181 -7.00 -4.97 -10.73
CA SER D 181 -6.60 -4.22 -9.55
C SER D 181 -5.27 -3.53 -9.78
N PHE D 182 -5.15 -2.29 -9.32
CA PHE D 182 -3.89 -1.55 -9.43
C PHE D 182 -3.53 -0.92 -8.11
N GLU D 183 -2.24 -0.95 -7.78
CA GLU D 183 -1.70 -0.23 -6.64
C GLU D 183 -0.38 0.40 -7.00
N LEU D 184 -0.19 1.65 -6.55
CA LEU D 184 1.11 2.32 -6.61
C LEU D 184 1.70 2.40 -5.21
N LEU D 185 2.80 1.71 -5.00
CA LEU D 185 3.45 1.63 -3.70
C LEU D 185 4.90 2.06 -3.82
N HIS D 186 5.56 2.24 -2.66
CA HIS D 186 6.99 2.46 -2.65
C HIS D 186 7.70 1.12 -2.79
N ALA D 187 7.26 0.35 -3.77
CA ALA D 187 7.74 -0.96 -4.14
C ALA D 187 7.98 -0.94 -5.63
N PRO D 188 8.77 -1.88 -6.17
CA PRO D 188 8.99 -1.92 -7.62
C PRO D 188 7.65 -1.94 -8.37
N ALA D 189 7.58 -1.17 -9.44
CA ALA D 189 6.39 -1.08 -10.27
C ALA D 189 6.79 -1.54 -11.66
N THR D 190 6.31 -2.72 -12.06
CA THR D 190 6.78 -3.39 -13.27
C THR D 190 5.70 -3.63 -14.31
N VAL D 191 4.46 -3.20 -14.07
CA VAL D 191 3.41 -3.28 -15.08
C VAL D 191 3.21 -1.87 -15.62
N CYS D 192 3.73 -1.61 -16.81
CA CYS D 192 3.75 -0.29 -17.40
C CYS D 192 2.90 -0.25 -18.67
N GLY D 193 2.48 0.96 -19.00
CA GLY D 193 1.87 1.22 -20.29
C GLY D 193 2.92 1.41 -21.35
N PRO D 194 2.45 1.72 -22.57
CA PRO D 194 3.36 1.94 -23.68
C PRO D 194 4.30 3.12 -23.44
#